data_3KCU
#
_entry.id   3KCU
#
_cell.length_a   101.378
_cell.length_b   107.934
_cell.length_c   163.128
_cell.angle_alpha   90.00
_cell.angle_beta   90.00
_cell.angle_gamma   90.00
#
_symmetry.space_group_name_H-M   'P 21 21 21'
#
loop_
_entity.id
_entity.type
_entity.pdbx_description
1 polymer 'Probable formate transporter 1'
2 non-polymer '2-(6-(2-CYCLOHEXYLETHOXY)-TETRAHYDRO-4,5-DIHYDROXY-2(HYDROXYMETHYL)-2H-PYRAN-3-YLOXY)-TETRAHYDRO-6(HYDROXYMETHYL)-2H-PY RAN-3,4,5-TRIOL'
3 water water
#
_entity_poly.entity_id   1
_entity_poly.type   'polypeptide(L)'
_entity_poly.pdbx_seq_one_letter_code
;MKADNPFDLLLPAAMAKVAEEAGVYKATKHPLKTFYLAITAGVFISIAFVFYITATTGTGTMPFGMAKLVGGICFSLGLI
LCVVCGADLFTSTVLIVVAKASGRITWGQLAKNWLNVYFGNLVGALLFVLLMWLSGEYMTANGQWGLNVLQTADHKVHHT
FIEAVCLGILANLMVCLAVWMSYSGRSLMDKAFIMVLPVAMFVASGFEHSIANMFMIPMGIVIRDFASPEFWTAVGSAPE
NFSHLTVMNFITDNLIPVTIGNIIGGGLLVGLTYWVIYLRENDHH
;
_entity_poly.pdbx_strand_id   A,B,C,D,E
#
# COMPACT_ATOMS: atom_id res chain seq x y z
N LYS A 29 25.32 -29.46 -0.64
CA LYS A 29 26.02 -30.56 0.03
C LYS A 29 26.22 -30.25 1.51
N HIS A 30 26.57 -31.30 2.25
CA HIS A 30 26.83 -31.23 3.70
C HIS A 30 25.58 -31.12 4.56
N PRO A 31 25.19 -32.24 5.18
CA PRO A 31 24.01 -32.39 6.03
C PRO A 31 23.93 -31.32 7.13
N LEU A 32 25.07 -30.95 7.69
CA LEU A 32 25.09 -30.02 8.82
C LEU A 32 24.73 -28.60 8.42
N LYS A 33 25.28 -28.14 7.31
CA LYS A 33 24.94 -26.82 6.77
C LYS A 33 23.44 -26.75 6.54
N THR A 34 22.92 -27.70 5.78
CA THR A 34 21.51 -27.80 5.47
C THR A 34 20.66 -27.75 6.74
N PHE A 35 21.09 -28.48 7.77
CA PHE A 35 20.36 -28.59 9.03
C PHE A 35 20.24 -27.21 9.70
N TYR A 36 21.35 -26.49 9.78
CA TYR A 36 21.32 -25.14 10.35
C TYR A 36 20.45 -24.16 9.54
N LEU A 37 20.53 -24.26 8.21
CA LEU A 37 19.71 -23.44 7.33
C LEU A 37 18.23 -23.78 7.50
N ALA A 38 17.93 -25.05 7.78
CA ALA A 38 16.57 -25.48 8.07
C ALA A 38 16.10 -24.95 9.42
N ILE A 39 16.99 -24.97 10.41
CA ILE A 39 16.67 -24.37 11.71
C ILE A 39 16.32 -22.89 11.50
N THR A 40 17.11 -22.22 10.66
CA THR A 40 16.92 -20.81 10.34
C THR A 40 15.54 -20.55 9.69
N ALA A 41 15.17 -21.42 8.75
CA ALA A 41 13.88 -21.24 8.07
C ALA A 41 12.72 -21.45 9.05
N GLY A 42 12.91 -22.37 10.00
CA GLY A 42 11.90 -22.67 11.01
C GLY A 42 11.68 -21.46 11.90
N VAL A 43 12.77 -20.83 12.29
CA VAL A 43 12.72 -19.53 12.95
C VAL A 43 12.02 -18.47 12.04
N PHE A 44 12.40 -18.43 10.77
CA PHE A 44 11.82 -17.44 9.84
C PHE A 44 10.31 -17.58 9.72
N ILE A 45 9.82 -18.81 9.62
CA ILE A 45 8.39 -19.02 9.44
C ILE A 45 7.63 -18.75 10.72
N SER A 46 8.34 -18.90 11.85
CA SER A 46 7.77 -18.62 13.17
C SER A 46 7.62 -17.11 13.33
N ILE A 47 8.64 -16.38 12.89
CA ILE A 47 8.56 -14.94 12.82
C ILE A 47 7.32 -14.55 11.99
N ALA A 48 7.10 -15.25 10.87
CA ALA A 48 5.95 -14.93 10.01
C ALA A 48 4.65 -15.06 10.79
N PHE A 49 4.50 -16.15 11.53
CA PHE A 49 3.25 -16.42 12.21
C PHE A 49 3.05 -15.50 13.41
N VAL A 50 4.15 -15.16 14.10
CA VAL A 50 4.10 -14.17 15.17
C VAL A 50 3.57 -12.82 14.64
N PHE A 51 4.08 -12.40 13.48
CA PHE A 51 3.67 -11.13 12.85
C PHE A 51 2.15 -11.19 12.53
N TYR A 52 1.71 -12.33 12.04
CA TYR A 52 0.31 -12.53 11.70
C TYR A 52 -0.57 -12.41 12.97
N ILE A 53 -0.11 -12.98 14.07
CA ILE A 53 -0.87 -12.96 15.30
C ILE A 53 -0.94 -11.54 15.84
N THR A 54 0.22 -10.88 15.88
CA THR A 54 0.29 -9.49 16.30
C THR A 54 -0.70 -8.64 15.47
N ALA A 55 -0.59 -8.74 14.14
CA ALA A 55 -1.43 -7.92 13.27
C ALA A 55 -2.93 -8.18 13.41
N THR A 56 -3.30 -9.41 13.74
CA THR A 56 -4.72 -9.77 13.78
C THR A 56 -5.28 -9.76 15.19
N THR A 57 -4.48 -9.36 16.17
CA THR A 57 -4.96 -9.32 17.56
C THR A 57 -5.93 -8.17 17.75
N GLY A 58 -7.10 -8.48 18.29
CA GLY A 58 -8.14 -7.49 18.46
C GLY A 58 -8.92 -7.15 17.20
N THR A 59 -8.80 -7.96 16.16
CA THR A 59 -9.50 -7.68 14.89
C THR A 59 -10.85 -8.37 14.76
N GLY A 60 -11.40 -8.78 15.91
CA GLY A 60 -12.75 -9.32 15.96
C GLY A 60 -13.82 -8.41 15.37
N THR A 61 -13.69 -7.10 15.55
CA THR A 61 -14.66 -6.16 14.96
C THR A 61 -14.50 -5.98 13.44
N MET A 62 -13.28 -6.13 12.93
CA MET A 62 -13.04 -5.95 11.50
C MET A 62 -13.75 -6.99 10.65
N PRO A 63 -14.07 -6.61 9.41
CA PRO A 63 -14.50 -7.66 8.47
C PRO A 63 -13.43 -8.77 8.41
N PHE A 64 -13.91 -10.00 8.51
CA PHE A 64 -13.09 -11.19 8.57
C PHE A 64 -11.98 -11.26 7.49
N GLY A 65 -12.37 -11.12 6.24
CA GLY A 65 -11.41 -11.25 5.16
C GLY A 65 -10.36 -10.14 5.18
N MET A 66 -10.76 -8.95 5.63
CA MET A 66 -9.84 -7.82 5.65
C MET A 66 -8.74 -8.04 6.70
N ALA A 67 -9.14 -8.50 7.89
CA ALA A 67 -8.21 -8.83 8.96
C ALA A 67 -7.26 -9.94 8.49
N LYS A 68 -7.84 -10.95 7.85
CA LYS A 68 -7.08 -12.12 7.43
C LYS A 68 -6.09 -11.73 6.34
N LEU A 69 -6.55 -10.87 5.42
CA LEU A 69 -5.69 -10.37 4.36
C LEU A 69 -4.48 -9.61 4.92
N VAL A 70 -4.72 -8.66 5.81
CA VAL A 70 -3.62 -7.91 6.40
C VAL A 70 -2.63 -8.84 7.14
N GLY A 71 -3.14 -9.79 7.91
CA GLY A 71 -2.27 -10.75 8.55
C GLY A 71 -1.42 -11.54 7.54
N GLY A 72 -2.06 -11.92 6.43
CA GLY A 72 -1.41 -12.70 5.39
C GLY A 72 -0.26 -11.93 4.74
N ILE A 73 -0.51 -10.66 4.44
CA ILE A 73 0.53 -9.78 3.95
C ILE A 73 1.70 -9.71 4.94
N CYS A 74 1.40 -9.55 6.22
CA CYS A 74 2.45 -9.51 7.24
C CYS A 74 3.22 -10.83 7.25
N PHE A 75 2.49 -11.93 7.13
CA PHE A 75 3.08 -13.27 7.13
C PHE A 75 4.16 -13.48 6.05
N SER A 76 4.03 -12.81 4.89
CA SER A 76 4.96 -13.03 3.77
C SER A 76 6.41 -12.71 4.15
N LEU A 77 6.58 -11.86 5.15
CA LEU A 77 7.90 -11.61 5.71
C LEU A 77 8.71 -12.91 5.87
N GLY A 78 8.05 -13.97 6.34
CA GLY A 78 8.70 -15.25 6.52
C GLY A 78 9.34 -15.82 5.28
N LEU A 79 8.57 -15.86 4.17
CA LEU A 79 9.12 -16.34 2.91
C LEU A 79 10.18 -15.39 2.36
N ILE A 80 9.99 -14.09 2.57
CA ILE A 80 10.98 -13.10 2.14
C ILE A 80 12.33 -13.38 2.83
N LEU A 81 12.29 -13.54 4.16
CA LEU A 81 13.47 -13.95 4.92
C LEU A 81 14.14 -15.21 4.35
N CYS A 82 13.34 -16.25 4.09
CA CYS A 82 13.90 -17.51 3.59
C CYS A 82 14.61 -17.37 2.25
N VAL A 83 14.00 -16.63 1.32
CA VAL A 83 14.57 -16.53 -0.02
C VAL A 83 15.77 -15.59 -0.03
N VAL A 84 15.62 -14.42 0.57
CA VAL A 84 16.68 -13.42 0.52
C VAL A 84 17.91 -13.89 1.29
N CYS A 85 17.69 -14.49 2.46
CA CYS A 85 18.80 -14.93 3.32
C CYS A 85 19.33 -16.33 2.97
N GLY A 86 18.62 -17.07 2.11
CA GLY A 86 19.09 -18.39 1.71
C GLY A 86 18.82 -19.52 2.71
N ALA A 87 17.73 -19.46 3.47
CA ALA A 87 17.39 -20.55 4.40
C ALA A 87 16.61 -21.65 3.67
N ASP A 88 16.46 -22.80 4.32
CA ASP A 88 15.85 -23.94 3.64
C ASP A 88 14.52 -24.35 4.28
N LEU A 89 13.43 -23.90 3.66
CA LEU A 89 12.08 -24.22 4.09
C LEU A 89 11.52 -25.44 3.34
N PHE A 90 11.18 -26.47 4.10
CA PHE A 90 10.68 -27.74 3.60
C PHE A 90 9.90 -27.69 2.28
N THR A 91 10.54 -28.19 1.22
CA THR A 91 10.00 -28.32 -0.15
C THR A 91 9.80 -26.99 -0.92
N SER A 92 10.02 -25.85 -0.28
CA SER A 92 9.63 -24.58 -0.89
C SER A 92 10.32 -24.29 -2.23
N THR A 93 11.55 -24.80 -2.40
CA THR A 93 12.32 -24.52 -3.60
C THR A 93 12.36 -25.70 -4.58
N VAL A 94 11.43 -26.64 -4.44
CA VAL A 94 11.50 -27.88 -5.22
C VAL A 94 11.44 -27.64 -6.75
N LEU A 95 10.70 -26.61 -7.17
CA LEU A 95 10.57 -26.28 -8.57
C LEU A 95 11.83 -25.62 -9.14
N ILE A 96 12.51 -24.84 -8.31
CA ILE A 96 13.81 -24.29 -8.69
C ILE A 96 14.76 -25.43 -8.96
N VAL A 97 14.77 -26.40 -8.03
CA VAL A 97 15.65 -27.56 -8.18
C VAL A 97 15.39 -28.26 -9.51
N VAL A 98 14.12 -28.55 -9.82
CA VAL A 98 13.80 -29.21 -11.09
C VAL A 98 14.29 -28.38 -12.29
N ALA A 99 13.99 -27.08 -12.28
CA ALA A 99 14.37 -26.21 -13.39
C ALA A 99 15.88 -26.10 -13.57
N LYS A 100 16.62 -25.91 -12.48
CA LYS A 100 18.08 -25.83 -12.60
C LYS A 100 18.68 -27.10 -13.20
N ALA A 101 18.03 -28.23 -12.98
CA ALA A 101 18.52 -29.52 -13.52
C ALA A 101 17.93 -29.81 -14.89
N SER A 102 17.14 -28.86 -15.42
CA SER A 102 16.42 -29.07 -16.69
C SER A 102 15.58 -30.35 -16.66
N GLY A 103 14.95 -30.62 -15.52
CA GLY A 103 14.17 -31.83 -15.37
C GLY A 103 14.97 -33.12 -15.42
N ARG A 104 16.30 -33.00 -15.42
CA ARG A 104 17.16 -34.19 -15.49
C ARG A 104 17.42 -34.66 -14.06
N ILE A 105 16.36 -35.10 -13.40
CA ILE A 105 16.45 -35.33 -11.97
C ILE A 105 15.35 -36.26 -11.51
N THR A 106 15.68 -37.13 -10.57
CA THR A 106 14.72 -38.12 -10.07
C THR A 106 14.09 -37.63 -8.76
N TRP A 107 12.98 -38.25 -8.37
CA TRP A 107 12.32 -37.92 -7.10
C TRP A 107 13.23 -38.19 -5.89
N GLY A 108 13.95 -39.30 -5.90
CA GLY A 108 14.91 -39.59 -4.84
C GLY A 108 15.85 -38.42 -4.62
N GLN A 109 16.36 -37.86 -5.72
CA GLN A 109 17.22 -36.67 -5.65
C GLN A 109 16.47 -35.46 -5.09
N LEU A 110 15.28 -35.20 -5.59
CA LEU A 110 14.47 -34.10 -5.07
C LEU A 110 14.21 -34.20 -3.57
N ALA A 111 13.94 -35.41 -3.08
CA ALA A 111 13.53 -35.62 -1.68
C ALA A 111 14.71 -35.94 -0.75
N LYS A 112 15.92 -35.90 -1.32
CA LYS A 112 17.15 -36.28 -0.65
C LYS A 112 17.36 -35.63 0.71
N ASN A 113 17.01 -34.36 0.83
CA ASN A 113 17.26 -33.64 2.06
C ASN A 113 15.98 -33.34 2.87
N TRP A 114 14.86 -33.88 2.43
CA TRP A 114 13.56 -33.53 3.03
C TRP A 114 13.48 -33.87 4.51
N LEU A 115 13.91 -35.07 4.89
CA LEU A 115 13.84 -35.49 6.29
C LEU A 115 14.62 -34.54 7.20
N ASN A 116 15.87 -34.31 6.80
CA ASN A 116 16.79 -33.39 7.46
C ASN A 116 16.25 -31.96 7.59
N VAL A 117 15.73 -31.41 6.50
CA VAL A 117 15.15 -30.06 6.52
C VAL A 117 13.89 -29.97 7.39
N TYR A 118 13.03 -30.97 7.25
CA TYR A 118 11.79 -31.02 7.99
C TYR A 118 12.08 -30.99 9.50
N PHE A 119 13.09 -31.77 9.90
N PHE A 119 13.08 -31.75 9.95
CA PHE A 119 13.52 -31.87 11.28
CA PHE A 119 13.36 -31.75 11.38
C PHE A 119 14.10 -30.55 11.76
C PHE A 119 14.18 -30.55 11.85
N GLY A 120 15.04 -30.02 10.99
CA GLY A 120 15.67 -28.73 11.27
C GLY A 120 14.62 -27.62 11.37
N ASN A 121 13.71 -27.56 10.41
CA ASN A 121 12.56 -26.63 10.46
C ASN A 121 11.84 -26.75 11.82
N LEU A 122 11.54 -27.99 12.21
CA LEU A 122 10.88 -28.23 13.49
C LEU A 122 11.67 -27.68 14.69
N VAL A 123 12.97 -27.96 14.71
CA VAL A 123 13.84 -27.49 15.79
C VAL A 123 13.80 -25.95 15.88
N GLY A 124 13.89 -25.29 14.73
CA GLY A 124 13.79 -23.83 14.69
C GLY A 124 12.44 -23.31 15.16
N ALA A 125 11.36 -23.95 14.75
CA ALA A 125 10.04 -23.55 15.24
C ALA A 125 9.92 -23.74 16.78
N LEU A 126 10.37 -24.89 17.30
CA LEU A 126 10.27 -25.13 18.75
C LEU A 126 11.14 -24.14 19.54
N LEU A 127 12.35 -23.86 19.05
CA LEU A 127 13.17 -22.82 19.64
C LEU A 127 12.42 -21.48 19.70
N PHE A 128 11.68 -21.16 18.64
CA PHE A 128 10.98 -19.89 18.64
C PHE A 128 9.78 -19.94 19.59
N VAL A 129 9.15 -21.10 19.70
CA VAL A 129 8.06 -21.22 20.68
C VAL A 129 8.58 -20.87 22.09
N LEU A 130 9.73 -21.44 22.44
CA LEU A 130 10.35 -21.22 23.74
C LEU A 130 10.65 -19.75 23.98
N LEU A 131 11.33 -19.13 23.01
CA LEU A 131 11.66 -17.71 23.11
C LEU A 131 10.42 -16.83 23.27
N MET A 132 9.37 -17.11 22.47
CA MET A 132 8.12 -16.34 22.54
C MET A 132 7.45 -16.54 23.89
N TRP A 133 7.44 -17.77 24.38
CA TRP A 133 6.91 -18.00 25.72
C TRP A 133 7.70 -17.22 26.78
N LEU A 134 9.02 -17.31 26.75
CA LEU A 134 9.82 -16.58 27.72
C LEU A 134 9.67 -15.06 27.61
N SER A 135 9.30 -14.58 26.42
CA SER A 135 9.13 -13.14 26.21
C SER A 135 7.94 -12.57 26.99
N GLY A 136 7.01 -13.44 27.40
CA GLY A 136 5.75 -12.98 27.97
C GLY A 136 4.74 -12.38 26.99
N GLU A 137 4.96 -12.59 25.69
CA GLU A 137 4.11 -11.99 24.64
C GLU A 137 2.61 -12.36 24.71
N TYR A 138 2.31 -13.56 25.22
CA TYR A 138 0.93 -14.02 25.34
C TYR A 138 -0.03 -13.09 26.11
N MET A 139 0.53 -12.27 27.01
CA MET A 139 -0.24 -11.25 27.74
C MET A 139 -0.44 -9.94 26.96
N THR A 140 0.21 -9.81 25.80
CA THR A 140 0.03 -8.60 24.98
C THR A 140 -1.46 -8.32 24.76
N ALA A 141 -1.81 -7.04 24.81
CA ALA A 141 -3.19 -6.58 24.66
C ALA A 141 -4.13 -7.29 25.62
N ASN A 142 -3.73 -7.31 26.89
CA ASN A 142 -4.54 -7.90 27.94
C ASN A 142 -4.88 -9.36 27.65
N GLY A 143 -3.90 -10.09 27.14
CA GLY A 143 -4.04 -11.50 26.86
C GLY A 143 -4.62 -11.84 25.49
N GLN A 144 -5.10 -10.84 24.78
CA GLN A 144 -5.72 -11.08 23.48
C GLN A 144 -4.73 -11.68 22.46
N TRP A 145 -3.47 -11.29 22.54
CA TRP A 145 -2.43 -11.92 21.72
C TRP A 145 -2.41 -13.44 21.96
N GLY A 146 -2.27 -13.83 23.23
CA GLY A 146 -2.31 -15.24 23.58
C GLY A 146 -3.61 -15.94 23.18
N LEU A 147 -4.75 -15.28 23.38
CA LEU A 147 -6.04 -15.85 23.02
C LEU A 147 -6.12 -16.08 21.51
N ASN A 148 -5.62 -15.11 20.75
CA ASN A 148 -5.54 -15.24 19.29
C ASN A 148 -4.76 -16.52 18.92
N VAL A 149 -3.61 -16.75 19.57
CA VAL A 149 -2.87 -18.01 19.35
C VAL A 149 -3.70 -19.26 19.67
N LEU A 150 -4.37 -19.26 20.81
CA LEU A 150 -5.19 -20.41 21.21
C LEU A 150 -6.29 -20.72 20.19
N GLN A 151 -7.01 -19.69 19.78
CA GLN A 151 -8.11 -19.86 18.82
C GLN A 151 -7.59 -20.29 17.45
N THR A 152 -6.47 -19.70 17.03
CA THR A 152 -5.84 -20.07 15.77
C THR A 152 -5.35 -21.54 15.79
N ALA A 153 -4.66 -21.93 16.85
CA ALA A 153 -4.16 -23.30 16.98
C ALA A 153 -5.29 -24.32 17.04
N ASP A 154 -6.31 -23.98 17.81
CA ASP A 154 -7.45 -24.84 18.02
C ASP A 154 -8.20 -25.09 16.72
N HIS A 155 -8.40 -24.04 15.93
CA HIS A 155 -9.05 -24.19 14.63
C HIS A 155 -8.30 -25.21 13.77
N LYS A 156 -6.98 -25.21 13.87
CA LYS A 156 -6.15 -26.05 13.00
C LYS A 156 -6.23 -27.53 13.36
N VAL A 157 -6.80 -27.87 14.51
CA VAL A 157 -6.87 -29.30 14.85
C VAL A 157 -8.29 -29.88 14.72
N HIS A 158 -9.19 -29.11 14.12
CA HIS A 158 -10.55 -29.60 13.95
C HIS A 158 -10.94 -30.00 12.53
N HIS A 159 -9.96 -30.18 11.64
CA HIS A 159 -10.27 -30.59 10.27
C HIS A 159 -10.46 -32.11 10.22
N THR A 160 -11.25 -32.61 9.27
CA THR A 160 -11.20 -34.03 8.96
C THR A 160 -9.84 -34.30 8.30
N PHE A 161 -9.46 -35.56 8.22
CA PHE A 161 -8.19 -35.95 7.62
C PHE A 161 -8.12 -35.44 6.17
N ILE A 162 -9.19 -35.60 5.41
CA ILE A 162 -9.20 -35.18 4.00
C ILE A 162 -9.14 -33.67 3.85
N GLU A 163 -9.91 -32.96 4.67
CA GLU A 163 -9.82 -31.50 4.69
C GLU A 163 -8.39 -31.03 4.95
N ALA A 164 -7.71 -31.65 5.91
CA ALA A 164 -6.39 -31.20 6.28
C ALA A 164 -5.40 -31.47 5.13
N VAL A 165 -5.57 -32.59 4.43
CA VAL A 165 -4.69 -32.88 3.29
C VAL A 165 -4.90 -31.85 2.19
N CYS A 166 -6.17 -31.60 1.85
CA CYS A 166 -6.48 -30.69 0.77
C CYS A 166 -6.01 -29.28 1.12
N LEU A 167 -6.19 -28.86 2.37
CA LEU A 167 -5.68 -27.56 2.81
C LEU A 167 -4.13 -27.50 2.74
N GLY A 168 -3.50 -28.65 2.91
CA GLY A 168 -2.06 -28.76 2.81
C GLY A 168 -1.60 -28.63 1.37
N ILE A 169 -2.33 -29.31 0.48
CA ILE A 169 -2.07 -29.21 -0.95
C ILE A 169 -2.14 -27.74 -1.36
N LEU A 170 -3.23 -27.09 -0.95
CA LEU A 170 -3.47 -25.70 -1.30
C LEU A 170 -2.37 -24.78 -0.78
N ALA A 171 -1.98 -24.94 0.48
CA ALA A 171 -0.92 -24.09 1.06
C ALA A 171 0.41 -24.18 0.29
N ASN A 172 0.83 -25.40 0.02
CA ASN A 172 2.13 -25.59 -0.63
C ASN A 172 2.12 -25.27 -2.14
N LEU A 173 0.99 -25.41 -2.82
CA LEU A 173 0.86 -24.85 -4.15
C LEU A 173 1.31 -23.39 -4.10
N MET A 174 0.75 -22.64 -3.15
CA MET A 174 1.00 -21.22 -3.07
C MET A 174 2.46 -20.86 -2.72
N VAL A 175 3.02 -21.56 -1.73
CA VAL A 175 4.40 -21.34 -1.33
C VAL A 175 5.36 -21.62 -2.51
N CYS A 176 5.16 -22.75 -3.19
CA CYS A 176 6.09 -23.14 -4.25
C CYS A 176 5.98 -22.21 -5.45
N LEU A 177 4.74 -21.78 -5.75
CA LEU A 177 4.53 -20.81 -6.80
C LEU A 177 5.21 -19.49 -6.45
N ALA A 178 5.04 -19.04 -5.20
CA ALA A 178 5.65 -17.79 -4.73
C ALA A 178 7.16 -17.82 -4.93
N VAL A 179 7.76 -18.92 -4.51
CA VAL A 179 9.20 -19.07 -4.57
C VAL A 179 9.62 -19.20 -6.01
N TRP A 180 8.80 -19.88 -6.81
CA TRP A 180 9.07 -19.96 -8.24
C TRP A 180 9.16 -18.57 -8.86
N MET A 181 8.18 -17.71 -8.57
CA MET A 181 8.16 -16.38 -9.17
C MET A 181 9.34 -15.53 -8.68
N SER A 182 9.71 -15.71 -7.42
CA SER A 182 10.80 -14.96 -6.81
C SER A 182 12.11 -15.19 -7.55
N TYR A 183 12.28 -16.40 -8.07
CA TYR A 183 13.54 -16.74 -8.72
C TYR A 183 13.68 -16.14 -10.12
N SER A 184 12.61 -15.58 -10.68
CA SER A 184 12.76 -14.91 -11.94
C SER A 184 13.02 -13.43 -11.69
N GLY A 185 13.10 -13.05 -10.41
CA GLY A 185 13.40 -11.66 -10.05
C GLY A 185 14.86 -11.25 -10.20
N ARG A 186 15.09 -9.96 -10.41
CA ARG A 186 16.45 -9.49 -10.74
C ARG A 186 16.89 -8.39 -9.80
N SER A 187 16.03 -8.07 -8.84
CA SER A 187 16.32 -7.07 -7.84
C SER A 187 15.71 -7.58 -6.54
N LEU A 188 16.09 -6.96 -5.44
CA LEU A 188 15.59 -7.36 -4.13
C LEU A 188 14.08 -7.09 -4.07
N MET A 189 13.70 -5.94 -4.59
CA MET A 189 12.29 -5.58 -4.77
C MET A 189 11.51 -6.69 -5.48
N ASP A 190 12.04 -7.15 -6.62
CA ASP A 190 11.40 -8.19 -7.40
C ASP A 190 11.15 -9.46 -6.59
N LYS A 191 12.23 -9.96 -6.00
CA LYS A 191 12.25 -11.26 -5.35
C LYS A 191 11.34 -11.26 -4.16
N ALA A 192 11.32 -10.15 -3.43
CA ALA A 192 10.56 -10.10 -2.19
C ALA A 192 9.07 -9.84 -2.45
N PHE A 193 8.79 -8.71 -3.08
CA PHE A 193 7.41 -8.27 -3.20
C PHE A 193 6.53 -9.09 -4.15
N ILE A 194 7.13 -9.91 -5.01
CA ILE A 194 6.33 -10.81 -5.85
C ILE A 194 5.70 -11.96 -5.04
N MET A 195 6.24 -12.22 -3.84
CA MET A 195 5.72 -13.30 -3.02
C MET A 195 4.59 -12.83 -2.08
N VAL A 196 4.41 -11.53 -1.94
CA VAL A 196 3.42 -11.00 -1.00
C VAL A 196 2.01 -11.55 -1.26
N LEU A 197 1.50 -11.33 -2.47
CA LEU A 197 0.14 -11.74 -2.84
C LEU A 197 -0.08 -13.25 -2.70
N PRO A 198 0.84 -14.07 -3.26
CA PRO A 198 0.59 -15.52 -3.17
C PRO A 198 0.67 -16.04 -1.73
N VAL A 199 1.56 -15.48 -0.91
CA VAL A 199 1.60 -15.92 0.49
C VAL A 199 0.36 -15.41 1.27
N ALA A 200 0.03 -14.13 1.13
CA ALA A 200 -1.14 -13.58 1.80
C ALA A 200 -2.40 -14.39 1.46
N MET A 201 -2.46 -14.85 0.22
CA MET A 201 -3.58 -15.66 -0.26
C MET A 201 -3.71 -16.97 0.50
N PHE A 202 -2.61 -17.74 0.60
CA PHE A 202 -2.69 -19.00 1.32
C PHE A 202 -3.03 -18.77 2.80
N VAL A 203 -2.42 -17.75 3.40
CA VAL A 203 -2.60 -17.46 4.82
C VAL A 203 -4.00 -16.90 5.13
N ALA A 204 -4.42 -15.87 4.39
CA ALA A 204 -5.74 -15.29 4.62
C ALA A 204 -6.81 -16.35 4.46
N SER A 205 -6.62 -17.26 3.51
CA SER A 205 -7.62 -18.30 3.23
C SER A 205 -7.56 -19.47 4.23
N GLY A 206 -6.67 -19.39 5.21
CA GLY A 206 -6.49 -20.48 6.18
C GLY A 206 -6.00 -21.80 5.60
N PHE A 207 -5.23 -21.78 4.50
CA PHE A 207 -4.60 -23.02 4.03
C PHE A 207 -3.50 -23.46 5.04
N GLU A 208 -3.15 -24.74 5.04
CA GLU A 208 -2.32 -25.32 6.11
C GLU A 208 -0.90 -25.61 5.66
N HIS A 209 0.06 -24.92 6.26
CA HIS A 209 1.47 -25.18 5.99
C HIS A 209 2.11 -25.89 7.21
N SER A 210 2.66 -27.10 6.99
CA SER A 210 3.18 -27.95 8.10
C SER A 210 4.22 -27.29 9.01
N ILE A 211 5.16 -26.57 8.41
CA ILE A 211 6.22 -25.91 9.17
C ILE A 211 5.67 -24.72 9.95
N ALA A 212 4.87 -23.89 9.29
CA ALA A 212 4.16 -22.82 9.99
C ALA A 212 3.45 -23.38 11.22
N ASN A 213 2.80 -24.53 11.05
CA ASN A 213 2.05 -25.18 12.14
C ASN A 213 2.90 -25.73 13.26
N MET A 214 4.19 -25.96 12.98
CA MET A 214 5.14 -26.42 13.98
C MET A 214 5.40 -25.31 14.97
N PHE A 215 5.19 -24.08 14.53
CA PHE A 215 5.20 -22.99 15.48
C PHE A 215 3.83 -22.80 16.13
N MET A 216 2.80 -22.68 15.30
CA MET A 216 1.52 -22.19 15.78
C MET A 216 0.88 -23.12 16.79
N ILE A 217 0.86 -24.40 16.49
CA ILE A 217 0.09 -25.31 17.33
C ILE A 217 0.78 -25.60 18.64
N PRO A 218 2.10 -25.90 18.58
CA PRO A 218 2.85 -25.98 19.84
C PRO A 218 2.80 -24.68 20.64
N MET A 219 2.82 -23.52 19.98
CA MET A 219 2.64 -22.26 20.72
C MET A 219 1.30 -22.31 21.49
N GLY A 220 0.27 -22.86 20.84
CA GLY A 220 -1.02 -22.98 21.49
C GLY A 220 -1.02 -23.92 22.71
N ILE A 221 -0.43 -25.10 22.54
CA ILE A 221 -0.33 -26.08 23.61
C ILE A 221 0.40 -25.49 24.83
N VAL A 222 1.48 -24.77 24.56
CA VAL A 222 2.31 -24.18 25.59
C VAL A 222 1.55 -23.11 26.40
N ILE A 223 0.88 -22.19 25.70
CA ILE A 223 0.06 -21.19 26.36
C ILE A 223 -1.05 -21.88 27.14
N ARG A 224 -1.68 -22.86 26.52
CA ARG A 224 -2.75 -23.55 27.19
C ARG A 224 -2.28 -24.21 28.49
N ASP A 225 -1.11 -24.85 28.44
CA ASP A 225 -0.59 -25.57 29.62
C ASP A 225 0.00 -24.66 30.69
N PHE A 226 0.58 -23.54 30.29
CA PHE A 226 1.39 -22.74 31.22
C PHE A 226 0.92 -21.31 31.52
N ALA A 227 -0.11 -20.85 30.79
CA ALA A 227 -0.73 -19.55 31.06
C ALA A 227 -1.04 -19.35 32.53
N SER A 228 -0.88 -18.13 33.01
CA SER A 228 -1.20 -17.76 34.39
C SER A 228 -2.72 -17.70 34.61
N PRO A 229 -3.15 -17.72 35.89
CA PRO A 229 -4.57 -17.50 36.19
C PRO A 229 -5.01 -16.11 35.75
N GLU A 230 -4.09 -15.16 35.82
CA GLU A 230 -4.34 -13.80 35.36
C GLU A 230 -4.72 -13.76 33.87
N PHE A 231 -4.02 -14.55 33.06
CA PHE A 231 -4.34 -14.65 31.64
C PHE A 231 -5.77 -15.13 31.42
N TRP A 232 -6.11 -16.26 32.05
CA TRP A 232 -7.43 -16.87 31.86
C TRP A 232 -8.55 -15.94 32.29
N THR A 233 -8.32 -15.22 33.39
CA THR A 233 -9.24 -14.19 33.85
C THR A 233 -9.30 -13.00 32.89
N ALA A 234 -8.15 -12.59 32.35
CA ALA A 234 -8.13 -11.44 31.45
C ALA A 234 -8.96 -11.68 30.18
N VAL A 235 -8.83 -12.86 29.59
CA VAL A 235 -9.51 -13.17 28.34
C VAL A 235 -10.84 -13.90 28.54
N GLY A 236 -11.22 -14.10 29.79
CA GLY A 236 -12.48 -14.75 30.11
C GLY A 236 -12.58 -16.19 29.62
N SER A 237 -11.48 -16.94 29.70
CA SER A 237 -11.56 -18.38 29.39
C SER A 237 -10.86 -19.27 30.41
N ALA A 238 -10.57 -20.50 29.99
CA ALA A 238 -10.00 -21.51 30.87
C ALA A 238 -9.39 -22.57 30.00
N PRO A 239 -8.39 -23.28 30.55
CA PRO A 239 -7.65 -24.25 29.72
C PRO A 239 -8.61 -25.31 29.20
N GLU A 240 -9.64 -25.61 30.00
CA GLU A 240 -10.68 -26.60 29.65
C GLU A 240 -11.39 -26.30 28.32
N ASN A 241 -11.40 -25.04 27.90
CA ASN A 241 -12.06 -24.66 26.66
C ASN A 241 -11.20 -24.93 25.43
N PHE A 242 -9.98 -25.43 25.64
CA PHE A 242 -9.02 -25.72 24.56
C PHE A 242 -8.41 -27.11 24.73
N SER A 243 -9.24 -28.06 25.12
CA SER A 243 -8.79 -29.38 25.52
C SER A 243 -8.32 -30.23 24.32
N HIS A 244 -8.61 -29.78 23.11
CA HIS A 244 -8.13 -30.49 21.93
C HIS A 244 -6.67 -30.15 21.62
N LEU A 245 -6.15 -29.13 22.29
CA LEU A 245 -4.78 -28.72 22.01
C LEU A 245 -3.80 -29.55 22.84
N THR A 246 -3.43 -30.72 22.31
CA THR A 246 -2.41 -31.59 22.89
C THR A 246 -1.44 -31.98 21.79
N VAL A 247 -0.28 -32.46 22.21
CA VAL A 247 0.76 -32.90 21.28
C VAL A 247 0.28 -33.98 20.31
N MET A 248 -0.44 -34.98 20.82
CA MET A 248 -0.94 -36.06 19.98
C MET A 248 -1.98 -35.60 18.95
N ASN A 249 -2.93 -34.75 19.36
CA ASN A 249 -3.86 -34.18 18.39
C ASN A 249 -3.14 -33.36 17.31
N PHE A 250 -2.21 -32.50 17.74
CA PHE A 250 -1.37 -31.74 16.82
C PHE A 250 -0.83 -32.69 15.76
N ILE A 251 -0.20 -33.78 16.21
CA ILE A 251 0.48 -34.69 15.30
C ILE A 251 -0.47 -35.44 14.38
N THR A 252 -1.53 -35.99 14.95
CA THR A 252 -2.44 -36.86 14.20
C THR A 252 -3.51 -36.14 13.38
N ASP A 253 -4.03 -35.04 13.90
CA ASP A 253 -5.15 -34.37 13.24
C ASP A 253 -4.70 -33.26 12.32
N ASN A 254 -3.48 -32.78 12.54
CA ASN A 254 -2.93 -31.71 11.70
C ASN A 254 -1.63 -32.08 10.99
N LEU A 255 -0.57 -32.30 11.76
CA LEU A 255 0.77 -32.42 11.17
C LEU A 255 0.89 -33.51 10.11
N ILE A 256 0.38 -34.70 10.39
CA ILE A 256 0.47 -35.81 9.45
C ILE A 256 -0.29 -35.56 8.14
N PRO A 257 -1.60 -35.25 8.20
CA PRO A 257 -2.33 -35.00 6.95
C PRO A 257 -1.91 -33.71 6.22
N VAL A 258 -1.58 -32.65 6.96
CA VAL A 258 -1.06 -31.43 6.34
C VAL A 258 0.31 -31.66 5.65
N THR A 259 1.16 -32.47 6.26
CA THR A 259 2.48 -32.74 5.69
C THR A 259 2.28 -33.52 4.39
N ILE A 260 1.40 -34.51 4.44
CA ILE A 260 1.02 -35.25 3.24
C ILE A 260 0.51 -34.34 2.11
N GLY A 261 -0.46 -33.49 2.41
CA GLY A 261 -0.96 -32.52 1.43
C GLY A 261 0.12 -31.59 0.90
N ASN A 262 0.97 -31.06 1.77
CA ASN A 262 2.07 -30.20 1.35
C ASN A 262 2.91 -30.90 0.27
N ILE A 263 3.28 -32.16 0.55
CA ILE A 263 4.11 -32.93 -0.37
C ILE A 263 3.38 -33.17 -1.70
N ILE A 264 2.08 -33.45 -1.61
CA ILE A 264 1.25 -33.70 -2.78
C ILE A 264 1.17 -32.44 -3.65
N GLY A 265 1.04 -31.28 -3.02
CA GLY A 265 0.94 -30.03 -3.76
C GLY A 265 2.23 -29.69 -4.49
N GLY A 266 3.36 -29.83 -3.78
CA GLY A 266 4.67 -29.71 -4.40
C GLY A 266 4.83 -30.70 -5.53
N GLY A 267 4.45 -31.96 -5.27
CA GLY A 267 4.51 -33.02 -6.26
C GLY A 267 3.77 -32.67 -7.54
N LEU A 268 2.55 -32.15 -7.38
CA LEU A 268 1.72 -31.80 -8.52
C LEU A 268 2.42 -30.78 -9.39
N LEU A 269 3.03 -29.77 -8.77
CA LEU A 269 3.73 -28.74 -9.51
C LEU A 269 5.00 -29.30 -10.17
N VAL A 270 5.67 -30.22 -9.48
CA VAL A 270 6.89 -30.85 -10.02
C VAL A 270 6.52 -31.65 -11.26
N GLY A 271 5.46 -32.44 -11.16
CA GLY A 271 4.94 -33.15 -12.32
C GLY A 271 4.70 -32.21 -13.47
N LEU A 272 3.99 -31.12 -13.20
CA LEU A 272 3.70 -30.13 -14.23
C LEU A 272 4.98 -29.63 -14.86
N THR A 273 5.95 -29.29 -14.02
CA THR A 273 7.21 -28.71 -14.48
C THR A 273 7.95 -29.68 -15.37
N TYR A 274 8.15 -30.92 -14.90
CA TYR A 274 8.76 -31.97 -15.71
CA TYR A 274 8.79 -31.94 -15.73
C TYR A 274 8.19 -31.93 -17.12
N TRP A 275 6.86 -31.98 -17.22
CA TRP A 275 6.19 -32.10 -18.52
C TRP A 275 6.37 -30.91 -19.45
N VAL A 276 6.20 -29.71 -18.90
CA VAL A 276 6.42 -28.48 -19.66
C VAL A 276 7.87 -28.37 -20.16
N ILE A 277 8.82 -28.89 -19.39
CA ILE A 277 10.22 -28.89 -19.81
C ILE A 277 10.44 -29.96 -20.86
N TYR A 278 9.74 -31.08 -20.71
CA TYR A 278 9.88 -32.19 -21.65
C TYR A 278 9.37 -31.84 -23.04
N LEU A 279 8.19 -31.25 -23.12
CA LEU A 279 7.66 -30.83 -24.41
C LEU A 279 8.57 -29.76 -25.05
N ARG A 280 9.49 -30.26 -25.87
CA ARG A 280 10.62 -29.49 -26.40
C ARG A 280 10.33 -28.02 -26.66
N LYS B 29 4.25 -23.90 -28.87
CA LYS B 29 3.83 -24.36 -30.19
C LYS B 29 3.26 -25.77 -30.13
N HIS B 30 3.82 -26.59 -29.25
CA HIS B 30 3.31 -27.94 -29.01
C HIS B 30 1.89 -27.86 -28.45
N PRO B 31 0.99 -28.73 -28.91
CA PRO B 31 -0.43 -28.70 -28.50
C PRO B 31 -0.65 -29.25 -27.10
N LEU B 32 0.07 -30.30 -26.73
CA LEU B 32 -0.08 -30.88 -25.40
C LEU B 32 0.46 -29.95 -24.32
N LYS B 33 1.60 -29.32 -24.61
CA LYS B 33 2.18 -28.32 -23.72
C LYS B 33 1.16 -27.20 -23.48
N THR B 34 0.60 -26.71 -24.57
CA THR B 34 -0.35 -25.62 -24.52
C THR B 34 -1.51 -25.99 -23.62
N PHE B 35 -1.97 -27.24 -23.73
CA PHE B 35 -3.08 -27.75 -22.94
C PHE B 35 -2.74 -27.72 -21.45
N TYR B 36 -1.52 -28.13 -21.12
CA TYR B 36 -1.10 -28.20 -19.72
C TYR B 36 -0.97 -26.80 -19.13
N LEU B 37 -0.42 -25.89 -19.93
CA LEU B 37 -0.36 -24.47 -19.56
C LEU B 37 -1.73 -23.80 -19.47
N ALA B 38 -2.72 -24.34 -20.18
CA ALA B 38 -4.08 -23.80 -20.15
C ALA B 38 -4.83 -24.31 -18.92
N ILE B 39 -4.60 -25.57 -18.58
CA ILE B 39 -5.05 -26.11 -17.30
C ILE B 39 -4.47 -25.25 -16.19
N THR B 40 -3.18 -24.92 -16.32
CA THR B 40 -2.48 -24.14 -15.30
C THR B 40 -3.07 -22.72 -15.12
N ALA B 41 -3.35 -22.04 -16.23
CA ALA B 41 -4.01 -20.73 -16.20
C ALA B 41 -5.40 -20.82 -15.55
N GLY B 42 -6.12 -21.90 -15.84
CA GLY B 42 -7.41 -22.17 -15.21
C GLY B 42 -7.28 -22.27 -13.69
N VAL B 43 -6.22 -22.94 -13.23
CA VAL B 43 -5.92 -23.01 -11.81
C VAL B 43 -5.59 -21.62 -11.25
N PHE B 44 -4.74 -20.87 -11.96
CA PHE B 44 -4.33 -19.54 -11.50
C PHE B 44 -5.51 -18.57 -11.33
N ILE B 45 -6.45 -18.60 -12.28
CA ILE B 45 -7.60 -17.71 -12.25
C ILE B 45 -8.57 -18.18 -11.15
N SER B 46 -8.63 -19.49 -10.92
CA SER B 46 -9.42 -20.03 -9.82
C SER B 46 -8.85 -19.55 -8.48
N ILE B 47 -7.52 -19.58 -8.40
CA ILE B 47 -6.80 -19.05 -7.24
C ILE B 47 -7.15 -17.58 -7.04
N ALA B 48 -7.18 -16.82 -8.14
CA ALA B 48 -7.57 -15.40 -8.08
C ALA B 48 -8.95 -15.21 -7.44
N PHE B 49 -9.93 -15.99 -7.90
CA PHE B 49 -11.31 -15.84 -7.40
C PHE B 49 -11.45 -16.36 -5.97
N VAL B 50 -10.71 -17.40 -5.62
CA VAL B 50 -10.69 -17.86 -4.22
C VAL B 50 -10.17 -16.73 -3.31
N PHE B 51 -9.08 -16.08 -3.72
CA PHE B 51 -8.49 -14.97 -2.96
C PHE B 51 -9.53 -13.82 -2.83
N TYR B 52 -10.22 -13.54 -3.94
CA TYR B 52 -11.25 -12.50 -3.95
C TYR B 52 -12.39 -12.83 -2.96
N ILE B 53 -12.82 -14.08 -2.96
CA ILE B 53 -13.85 -14.51 -2.03
C ILE B 53 -13.36 -14.40 -0.58
N THR B 54 -12.11 -14.82 -0.34
CA THR B 54 -11.56 -14.74 0.99
C THR B 54 -11.54 -13.31 1.51
N ALA B 55 -10.99 -12.40 0.71
CA ALA B 55 -10.82 -11.04 1.20
C ALA B 55 -12.15 -10.30 1.41
N THR B 56 -13.19 -10.65 0.65
CA THR B 56 -14.45 -9.93 0.72
C THR B 56 -15.46 -10.65 1.62
N THR B 57 -15.04 -11.74 2.27
CA THR B 57 -15.89 -12.45 3.22
C THR B 57 -16.12 -11.61 4.48
N GLY B 58 -17.39 -11.43 4.83
CA GLY B 58 -17.75 -10.65 6.02
C GLY B 58 -17.61 -9.16 5.80
N THR B 59 -17.56 -8.73 4.55
CA THR B 59 -17.41 -7.29 4.29
C THR B 59 -18.70 -6.54 4.01
N GLY B 60 -19.85 -7.17 4.32
CA GLY B 60 -21.15 -6.56 4.07
C GLY B 60 -21.40 -5.19 4.67
N THR B 61 -20.63 -4.81 5.70
CA THR B 61 -20.84 -3.54 6.37
C THR B 61 -19.82 -2.47 5.99
N MET B 62 -18.91 -2.80 5.09
CA MET B 62 -17.94 -1.86 4.57
C MET B 62 -18.58 -1.18 3.36
N PRO B 63 -18.12 0.03 3.03
CA PRO B 63 -18.59 0.58 1.76
C PRO B 63 -18.40 -0.42 0.62
N PHE B 64 -19.48 -0.63 -0.15
CA PHE B 64 -19.48 -1.58 -1.26
C PHE B 64 -18.21 -1.49 -2.13
N GLY B 65 -17.82 -0.27 -2.48
CA GLY B 65 -16.76 -0.06 -3.45
C GLY B 65 -15.35 -0.36 -2.92
N MET B 66 -15.13 -0.05 -1.65
CA MET B 66 -13.87 -0.31 -0.95
C MET B 66 -13.61 -1.80 -0.86
N ALA B 67 -14.63 -2.54 -0.45
CA ALA B 67 -14.53 -3.98 -0.32
C ALA B 67 -14.24 -4.64 -1.67
N LYS B 68 -14.98 -4.23 -2.70
CA LYS B 68 -14.77 -4.82 -4.04
C LYS B 68 -13.40 -4.44 -4.61
N LEU B 69 -12.94 -3.23 -4.32
CA LEU B 69 -11.64 -2.80 -4.77
C LEU B 69 -10.56 -3.69 -4.14
N VAL B 70 -10.64 -3.87 -2.81
CA VAL B 70 -9.70 -4.74 -2.11
C VAL B 70 -9.73 -6.14 -2.74
N GLY B 71 -10.92 -6.69 -2.90
CA GLY B 71 -11.08 -7.98 -3.57
C GLY B 71 -10.41 -7.99 -4.93
N GLY B 72 -10.57 -6.89 -5.67
CA GLY B 72 -10.09 -6.82 -7.04
C GLY B 72 -8.58 -6.81 -7.05
N ILE B 73 -7.97 -6.07 -6.12
CA ILE B 73 -6.53 -6.07 -5.96
C ILE B 73 -6.03 -7.49 -5.67
N CYS B 74 -6.72 -8.21 -4.78
CA CYS B 74 -6.31 -9.57 -4.47
C CYS B 74 -6.39 -10.40 -5.73
N PHE B 75 -7.47 -10.20 -6.49
CA PHE B 75 -7.70 -10.98 -7.70
C PHE B 75 -6.53 -10.92 -8.71
N SER B 76 -5.87 -9.77 -8.80
CA SER B 76 -4.79 -9.58 -9.78
C SER B 76 -3.69 -10.66 -9.67
N LEU B 77 -3.57 -11.28 -8.50
CA LEU B 77 -2.70 -12.43 -8.32
C LEU B 77 -2.81 -13.44 -9.45
N GLY B 78 -4.04 -13.74 -9.87
CA GLY B 78 -4.27 -14.74 -10.91
C GLY B 78 -3.56 -14.40 -12.22
N LEU B 79 -3.69 -13.15 -12.64
CA LEU B 79 -3.09 -12.73 -13.90
C LEU B 79 -1.57 -12.62 -13.74
N ILE B 80 -1.12 -12.15 -12.59
CA ILE B 80 0.32 -12.07 -12.31
C ILE B 80 0.93 -13.46 -12.45
N LEU B 81 0.28 -14.45 -11.85
CA LEU B 81 0.66 -15.86 -11.99
C LEU B 81 0.73 -16.30 -13.49
N CYS B 82 -0.33 -16.02 -14.25
CA CYS B 82 -0.39 -16.40 -15.66
C CYS B 82 0.78 -15.85 -16.44
N VAL B 83 1.00 -14.54 -16.31
CA VAL B 83 2.06 -13.90 -17.09
C VAL B 83 3.46 -14.34 -16.60
N VAL B 84 3.68 -14.30 -15.28
CA VAL B 84 5.00 -14.60 -14.77
C VAL B 84 5.42 -16.04 -15.08
N CYS B 85 4.49 -16.98 -14.95
CA CYS B 85 4.78 -18.40 -15.15
C CYS B 85 4.52 -18.89 -16.59
N GLY B 86 4.02 -18.00 -17.44
CA GLY B 86 3.80 -18.33 -18.85
C GLY B 86 2.69 -19.34 -19.06
N ALA B 87 1.64 -19.29 -18.25
CA ALA B 87 0.49 -20.14 -18.49
C ALA B 87 -0.39 -19.48 -19.54
N ASP B 88 -1.30 -20.24 -20.13
CA ASP B 88 -2.08 -19.74 -21.26
C ASP B 88 -3.54 -19.47 -20.88
N LEU B 89 -3.87 -18.20 -20.67
CA LEU B 89 -5.23 -17.79 -20.32
C LEU B 89 -5.98 -17.28 -21.56
N PHE B 90 -7.09 -17.94 -21.90
CA PHE B 90 -7.91 -17.65 -23.09
C PHE B 90 -7.87 -16.19 -23.58
N THR B 91 -7.23 -15.96 -24.73
CA THR B 91 -7.18 -14.66 -25.45
C THR B 91 -6.36 -13.54 -24.82
N SER B 92 -5.91 -13.72 -23.57
CA SER B 92 -5.33 -12.62 -22.83
C SER B 92 -4.07 -12.03 -23.48
N THR B 93 -3.37 -12.84 -24.28
CA THR B 93 -2.14 -12.38 -24.90
C THR B 93 -2.33 -12.08 -26.40
N VAL B 94 -3.58 -12.03 -26.87
CA VAL B 94 -3.87 -11.81 -28.29
C VAL B 94 -3.16 -10.57 -28.86
N LEU B 95 -3.14 -9.48 -28.10
CA LEU B 95 -2.45 -8.27 -28.55
C LEU B 95 -0.95 -8.52 -28.77
N ILE B 96 -0.35 -9.30 -27.87
CA ILE B 96 1.08 -9.58 -27.98
C ILE B 96 1.36 -10.38 -29.24
N VAL B 97 0.50 -11.35 -29.53
CA VAL B 97 0.64 -12.15 -30.74
C VAL B 97 0.59 -11.26 -31.99
N VAL B 98 -0.30 -10.27 -31.96
CA VAL B 98 -0.41 -9.34 -33.08
C VAL B 98 0.84 -8.48 -33.22
N ALA B 99 1.36 -8.02 -32.09
CA ALA B 99 2.55 -7.18 -32.10
C ALA B 99 3.78 -7.94 -32.60
N LYS B 100 3.85 -9.22 -32.26
CA LYS B 100 5.03 -10.02 -32.60
C LYS B 100 5.10 -10.36 -34.08
N ALA B 101 4.07 -9.98 -34.82
CA ALA B 101 4.04 -10.15 -36.27
C ALA B 101 3.85 -8.81 -36.94
N SER B 102 4.12 -7.74 -36.21
CA SER B 102 3.93 -6.39 -36.75
C SER B 102 2.58 -6.27 -37.45
N GLY B 103 1.60 -7.00 -36.95
CA GLY B 103 0.25 -6.95 -37.50
C GLY B 103 0.10 -7.65 -38.84
N ARG B 104 1.06 -8.49 -39.20
CA ARG B 104 1.02 -9.19 -40.48
C ARG B 104 0.57 -10.64 -40.30
N ILE B 105 -0.59 -10.78 -39.68
CA ILE B 105 -1.15 -12.09 -39.33
C ILE B 105 -2.67 -11.99 -39.50
N THR B 106 -3.35 -13.13 -39.68
CA THR B 106 -4.79 -13.10 -39.90
C THR B 106 -5.59 -13.40 -38.64
N TRP B 107 -6.89 -13.17 -38.71
CA TRP B 107 -7.81 -13.47 -37.60
C TRP B 107 -7.75 -14.96 -37.28
N GLY B 108 -7.89 -15.78 -38.33
CA GLY B 108 -7.85 -17.23 -38.17
C GLY B 108 -6.59 -17.73 -37.49
N GLN B 109 -5.48 -17.03 -37.69
CA GLN B 109 -4.21 -17.38 -37.03
C GLN B 109 -4.29 -17.08 -35.54
N LEU B 110 -5.01 -16.01 -35.18
CA LEU B 110 -5.11 -15.58 -33.80
C LEU B 110 -5.91 -16.58 -32.97
N ALA B 111 -6.98 -17.12 -33.56
CA ALA B 111 -7.86 -18.05 -32.86
C ALA B 111 -7.47 -19.50 -33.04
N LYS B 112 -6.31 -19.72 -33.66
CA LYS B 112 -5.73 -21.04 -33.90
C LYS B 112 -5.90 -22.05 -32.75
N ASN B 113 -5.47 -21.67 -31.56
CA ASN B 113 -5.57 -22.60 -30.44
C ASN B 113 -6.50 -22.12 -29.33
N TRP B 114 -7.51 -21.34 -29.70
CA TRP B 114 -8.48 -20.85 -28.73
C TRP B 114 -9.33 -21.97 -28.14
N LEU B 115 -9.68 -22.96 -28.96
CA LEU B 115 -10.46 -24.10 -28.50
C LEU B 115 -9.66 -24.92 -27.48
N ASN B 116 -8.41 -25.20 -27.83
CA ASN B 116 -7.52 -25.95 -26.95
C ASN B 116 -7.37 -25.20 -25.61
N VAL B 117 -7.10 -23.91 -25.69
CA VAL B 117 -6.85 -23.11 -24.50
C VAL B 117 -8.11 -22.95 -23.64
N TYR B 118 -9.26 -22.76 -24.29
CA TYR B 118 -10.54 -22.63 -23.61
C TYR B 118 -10.90 -23.87 -22.81
N PHE B 119 -10.69 -25.05 -23.40
CA PHE B 119 -11.04 -26.30 -22.74
C PHE B 119 -10.03 -26.63 -21.64
N GLY B 120 -8.77 -26.31 -21.88
CA GLY B 120 -7.74 -26.51 -20.87
C GLY B 120 -8.07 -25.65 -19.68
N ASN B 121 -8.34 -24.37 -19.96
CA ASN B 121 -8.79 -23.42 -18.96
C ASN B 121 -9.92 -24.00 -18.10
N LEU B 122 -10.92 -24.58 -18.77
CA LEU B 122 -12.08 -25.16 -18.09
C LEU B 122 -11.69 -26.33 -17.20
N VAL B 123 -10.88 -27.25 -17.74
CA VAL B 123 -10.42 -28.40 -16.95
C VAL B 123 -9.72 -27.93 -15.67
N GLY B 124 -8.84 -26.94 -15.79
CA GLY B 124 -8.15 -26.37 -14.65
C GLY B 124 -9.08 -25.77 -13.61
N ALA B 125 -10.06 -24.98 -14.06
CA ALA B 125 -11.05 -24.39 -13.17
C ALA B 125 -11.81 -25.46 -12.39
N LEU B 126 -12.32 -26.47 -13.11
CA LEU B 126 -13.15 -27.52 -12.52
C LEU B 126 -12.36 -28.35 -11.51
N LEU B 127 -11.09 -28.59 -11.81
CA LEU B 127 -10.19 -29.27 -10.88
C LEU B 127 -10.05 -28.50 -9.58
N PHE B 128 -9.98 -27.18 -9.69
CA PHE B 128 -9.83 -26.34 -8.51
C PHE B 128 -11.15 -26.24 -7.74
N VAL B 129 -12.27 -26.33 -8.46
CA VAL B 129 -13.57 -26.44 -7.79
C VAL B 129 -13.59 -27.67 -6.88
N LEU B 130 -13.20 -28.81 -7.44
CA LEU B 130 -13.16 -30.07 -6.71
C LEU B 130 -12.26 -29.97 -5.48
N LEU B 131 -11.11 -29.33 -5.63
CA LEU B 131 -10.15 -29.24 -4.54
C LEU B 131 -10.64 -28.30 -3.42
N MET B 132 -11.18 -27.14 -3.81
CA MET B 132 -11.77 -26.21 -2.86
C MET B 132 -12.93 -26.88 -2.15
N TRP B 133 -13.70 -27.68 -2.88
CA TRP B 133 -14.81 -28.39 -2.25
C TRP B 133 -14.30 -29.39 -1.21
N LEU B 134 -13.25 -30.14 -1.55
CA LEU B 134 -12.72 -31.15 -0.63
C LEU B 134 -12.00 -30.51 0.56
N SER B 135 -11.53 -29.27 0.38
CA SER B 135 -10.90 -28.56 1.50
C SER B 135 -11.86 -28.20 2.64
N GLY B 136 -13.18 -28.22 2.39
CA GLY B 136 -14.13 -27.78 3.39
C GLY B 136 -14.19 -26.28 3.60
N GLU B 137 -13.53 -25.53 2.71
CA GLU B 137 -13.45 -24.07 2.81
C GLU B 137 -14.80 -23.35 2.86
N TYR B 138 -15.83 -23.93 2.23
CA TYR B 138 -17.12 -23.24 2.21
C TYR B 138 -17.72 -22.96 3.61
N MET B 139 -17.23 -23.65 4.65
CA MET B 139 -17.66 -23.42 6.04
C MET B 139 -16.88 -22.32 6.73
N THR B 140 -15.81 -21.86 6.10
CA THR B 140 -15.03 -20.77 6.67
C THR B 140 -15.92 -19.58 7.08
N ALA B 141 -15.58 -18.96 8.19
CA ALA B 141 -16.30 -17.80 8.70
C ALA B 141 -17.77 -18.14 8.93
N ASN B 142 -18.00 -19.31 9.52
CA ASN B 142 -19.36 -19.77 9.85
C ASN B 142 -20.24 -19.90 8.61
N GLY B 143 -19.66 -20.39 7.52
CA GLY B 143 -20.37 -20.56 6.27
C GLY B 143 -20.40 -19.31 5.39
N GLN B 144 -19.92 -18.19 5.93
CA GLN B 144 -19.95 -16.94 5.18
C GLN B 144 -19.09 -16.96 3.92
N TRP B 145 -18.05 -17.78 3.93
CA TRP B 145 -17.22 -17.93 2.75
C TRP B 145 -18.08 -18.56 1.66
N GLY B 146 -18.79 -19.62 2.02
CA GLY B 146 -19.63 -20.32 1.07
C GLY B 146 -20.82 -19.46 0.62
N LEU B 147 -21.42 -18.74 1.56
CA LEU B 147 -22.50 -17.80 1.21
C LEU B 147 -22.00 -16.75 0.20
N ASN B 148 -20.78 -16.27 0.42
CA ASN B 148 -20.17 -15.32 -0.50
C ASN B 148 -20.08 -15.88 -1.93
N VAL B 149 -19.66 -17.15 -2.05
CA VAL B 149 -19.65 -17.79 -3.37
C VAL B 149 -21.06 -17.90 -3.99
N LEU B 150 -22.00 -18.45 -3.22
CA LEU B 150 -23.38 -18.54 -3.70
C LEU B 150 -23.90 -17.23 -4.30
N GLN B 151 -23.79 -16.15 -3.55
CA GLN B 151 -24.35 -14.88 -3.97
C GLN B 151 -23.61 -14.27 -5.16
N THR B 152 -22.30 -14.50 -5.22
CA THR B 152 -21.47 -14.00 -6.32
C THR B 152 -21.84 -14.74 -7.60
N ALA B 153 -21.86 -16.06 -7.50
CA ALA B 153 -22.27 -16.90 -8.61
C ALA B 153 -23.67 -16.56 -9.08
N ASP B 154 -24.59 -16.37 -8.13
CA ASP B 154 -25.99 -16.19 -8.45
C ASP B 154 -26.17 -14.90 -9.24
N HIS B 155 -25.54 -13.85 -8.74
CA HIS B 155 -25.50 -12.58 -9.46
C HIS B 155 -25.12 -12.76 -10.92
N LYS B 156 -24.16 -13.66 -11.18
CA LYS B 156 -23.60 -13.77 -12.53
C LYS B 156 -24.53 -14.46 -13.54
N VAL B 157 -25.61 -15.07 -13.06
CA VAL B 157 -26.58 -15.66 -14.00
C VAL B 157 -27.90 -14.87 -14.08
N HIS B 158 -27.88 -13.61 -13.68
CA HIS B 158 -29.10 -12.79 -13.77
C HIS B 158 -28.96 -11.59 -14.69
N HIS B 159 -27.94 -11.58 -15.56
CA HIS B 159 -27.82 -10.53 -16.57
C HIS B 159 -28.75 -10.81 -17.76
N THR B 160 -29.20 -9.77 -18.46
CA THR B 160 -29.74 -10.01 -19.80
C THR B 160 -28.58 -10.45 -20.71
N PHE B 161 -28.92 -11.04 -21.84
CA PHE B 161 -27.92 -11.48 -22.79
C PHE B 161 -27.05 -10.28 -23.20
N ILE B 162 -27.68 -9.16 -23.53
CA ILE B 162 -26.91 -8.00 -23.95
C ILE B 162 -25.95 -7.53 -22.84
N GLU B 163 -26.48 -7.46 -21.62
CA GLU B 163 -25.68 -7.04 -20.48
C GLU B 163 -24.48 -7.94 -20.33
N ALA B 164 -24.69 -9.26 -20.42
CA ALA B 164 -23.62 -10.21 -20.18
C ALA B 164 -22.56 -10.07 -21.26
N VAL B 165 -22.98 -9.90 -22.52
CA VAL B 165 -22.03 -9.61 -23.60
C VAL B 165 -21.22 -8.34 -23.34
N CYS B 166 -21.88 -7.27 -22.93
CA CYS B 166 -21.18 -6.01 -22.69
C CYS B 166 -20.24 -6.11 -21.49
N LEU B 167 -20.70 -6.75 -20.42
CA LEU B 167 -19.84 -7.01 -19.26
C LEU B 167 -18.63 -7.88 -19.65
N GLY B 168 -18.84 -8.79 -20.61
CA GLY B 168 -17.79 -9.62 -21.14
C GLY B 168 -16.81 -8.81 -22.00
N ILE B 169 -17.33 -7.87 -22.78
CA ILE B 169 -16.47 -6.98 -23.52
C ILE B 169 -15.62 -6.18 -22.56
N LEU B 170 -16.25 -5.67 -21.51
CA LEU B 170 -15.56 -4.81 -20.56
C LEU B 170 -14.43 -5.53 -19.81
N ALA B 171 -14.68 -6.76 -19.37
CA ALA B 171 -13.67 -7.50 -18.62
C ALA B 171 -12.44 -7.77 -19.49
N ASN B 172 -12.67 -8.23 -20.71
CA ASN B 172 -11.54 -8.62 -21.54
C ASN B 172 -10.72 -7.46 -22.12
N LEU B 173 -11.36 -6.31 -22.29
CA LEU B 173 -10.62 -5.10 -22.58
C LEU B 173 -9.55 -4.88 -21.52
N MET B 174 -9.96 -4.96 -20.24
CA MET B 174 -9.04 -4.68 -19.14
C MET B 174 -7.94 -5.75 -19.01
N VAL B 175 -8.29 -7.00 -19.25
CA VAL B 175 -7.33 -8.09 -19.20
C VAL B 175 -6.31 -7.96 -20.31
N CYS B 176 -6.79 -7.76 -21.53
CA CYS B 176 -5.85 -7.64 -22.66
C CYS B 176 -4.95 -6.41 -22.50
N LEU B 177 -5.50 -5.30 -22.02
CA LEU B 177 -4.68 -4.11 -21.79
C LEU B 177 -3.63 -4.30 -20.70
N ALA B 178 -3.98 -5.05 -19.66
CA ALA B 178 -3.08 -5.26 -18.53
C ALA B 178 -1.89 -6.07 -19.02
N VAL B 179 -2.19 -7.11 -19.79
CA VAL B 179 -1.17 -7.98 -20.33
C VAL B 179 -0.28 -7.23 -21.33
N TRP B 180 -0.91 -6.38 -22.13
CA TRP B 180 -0.18 -5.54 -23.07
C TRP B 180 0.82 -4.65 -22.34
N MET B 181 0.36 -3.94 -21.32
CA MET B 181 1.27 -3.14 -20.49
C MET B 181 2.37 -3.99 -19.85
N SER B 182 1.99 -5.15 -19.33
CA SER B 182 2.95 -6.05 -18.70
C SER B 182 4.11 -6.35 -19.65
N TYR B 183 3.80 -6.46 -20.95
CA TYR B 183 4.83 -6.81 -21.92
C TYR B 183 5.83 -5.72 -22.26
N SER B 184 5.56 -4.48 -21.87
CA SER B 184 6.57 -3.42 -22.01
C SER B 184 7.44 -3.31 -20.77
N GLY B 185 7.21 -4.19 -19.79
CA GLY B 185 7.97 -4.16 -18.56
C GLY B 185 9.29 -4.92 -18.66
N ARG B 186 10.26 -4.54 -17.84
CA ARG B 186 11.55 -5.19 -17.89
C ARG B 186 11.85 -5.95 -16.58
N SER B 187 11.54 -5.33 -15.45
CA SER B 187 11.68 -6.00 -14.16
C SER B 187 10.42 -6.78 -13.81
N LEU B 188 10.55 -7.61 -12.78
CA LEU B 188 9.43 -8.39 -12.28
C LEU B 188 8.37 -7.47 -11.64
N MET B 189 8.80 -6.46 -10.88
CA MET B 189 7.89 -5.43 -10.39
C MET B 189 7.05 -4.81 -11.52
N ASP B 190 7.74 -4.40 -12.58
CA ASP B 190 7.07 -3.83 -13.77
C ASP B 190 5.94 -4.73 -14.23
N LYS B 191 6.30 -5.97 -14.56
CA LYS B 191 5.40 -6.87 -15.26
C LYS B 191 4.20 -7.27 -14.40
N ALA B 192 4.44 -7.40 -13.09
CA ALA B 192 3.39 -7.79 -12.16
C ALA B 192 2.53 -6.61 -11.73
N PHE B 193 3.16 -5.57 -11.21
CA PHE B 193 2.39 -4.49 -10.60
C PHE B 193 1.66 -3.57 -11.57
N ILE B 194 2.11 -3.54 -12.82
CA ILE B 194 1.44 -2.69 -13.80
C ILE B 194 0.05 -3.27 -14.03
N MET B 195 -0.14 -4.54 -13.66
CA MET B 195 -1.42 -5.19 -13.94
C MET B 195 -2.42 -5.07 -12.80
N VAL B 196 -2.00 -4.61 -11.62
CA VAL B 196 -2.88 -4.60 -10.47
C VAL B 196 -4.14 -3.72 -10.71
N LEU B 197 -3.93 -2.46 -11.06
CA LEU B 197 -5.00 -1.50 -11.25
C LEU B 197 -6.04 -1.94 -12.30
N PRO B 198 -5.58 -2.28 -13.53
CA PRO B 198 -6.59 -2.63 -14.55
C PRO B 198 -7.34 -3.91 -14.20
N VAL B 199 -6.67 -4.87 -13.54
CA VAL B 199 -7.38 -6.07 -13.11
C VAL B 199 -8.38 -5.75 -11.97
N ALA B 200 -7.92 -5.03 -10.95
CA ALA B 200 -8.83 -4.70 -9.84
C ALA B 200 -10.04 -3.93 -10.38
N MET B 201 -9.80 -3.17 -11.45
CA MET B 201 -10.83 -2.32 -12.02
C MET B 201 -11.97 -3.18 -12.58
N PHE B 202 -11.62 -4.18 -13.37
CA PHE B 202 -12.64 -5.03 -13.98
C PHE B 202 -13.35 -5.89 -12.93
N VAL B 203 -12.57 -6.41 -11.99
CA VAL B 203 -13.11 -7.26 -10.96
C VAL B 203 -13.99 -6.47 -9.97
N ALA B 204 -13.50 -5.34 -9.45
CA ALA B 204 -14.28 -4.56 -8.51
C ALA B 204 -15.59 -4.08 -9.14
N SER B 205 -15.55 -3.83 -10.45
CA SER B 205 -16.69 -3.31 -11.18
C SER B 205 -17.70 -4.40 -11.53
N GLY B 206 -17.38 -5.67 -11.26
CA GLY B 206 -18.28 -6.77 -11.60
C GLY B 206 -18.34 -7.08 -13.10
N PHE B 207 -17.30 -6.73 -13.84
CA PHE B 207 -17.24 -7.14 -15.25
C PHE B 207 -17.07 -8.67 -15.34
N GLU B 208 -17.34 -9.24 -16.50
CA GLU B 208 -17.50 -10.69 -16.61
C GLU B 208 -16.40 -11.32 -17.46
N HIS B 209 -15.62 -12.19 -16.84
CA HIS B 209 -14.54 -12.90 -17.54
C HIS B 209 -14.91 -14.38 -17.57
N SER B 210 -14.97 -14.95 -18.77
CA SER B 210 -15.50 -16.31 -18.94
C SER B 210 -14.73 -17.40 -18.17
N ILE B 211 -13.40 -17.35 -18.18
CA ILE B 211 -12.60 -18.36 -17.51
C ILE B 211 -12.76 -18.27 -15.98
N ALA B 212 -12.65 -17.07 -15.45
CA ALA B 212 -12.92 -16.83 -14.04
C ALA B 212 -14.26 -17.44 -13.65
N ASN B 213 -15.27 -17.25 -14.50
CA ASN B 213 -16.60 -17.76 -14.19
C ASN B 213 -16.68 -19.27 -14.24
N MET B 214 -15.74 -19.89 -14.94
CA MET B 214 -15.66 -21.35 -14.99
C MET B 214 -15.31 -21.93 -13.62
N PHE B 215 -14.63 -21.14 -12.80
CA PHE B 215 -14.49 -21.51 -11.39
C PHE B 215 -15.72 -21.07 -10.59
N MET B 216 -16.02 -19.77 -10.64
CA MET B 216 -17.01 -19.19 -9.71
C MET B 216 -18.40 -19.83 -9.78
N ILE B 217 -18.97 -19.96 -10.97
CA ILE B 217 -20.35 -20.43 -11.06
C ILE B 217 -20.49 -21.93 -10.73
N PRO B 218 -19.65 -22.78 -11.33
CA PRO B 218 -19.62 -24.18 -10.87
C PRO B 218 -19.34 -24.35 -9.36
N MET B 219 -18.47 -23.53 -8.78
CA MET B 219 -18.25 -23.56 -7.32
C MET B 219 -19.57 -23.32 -6.56
N GLY B 220 -20.34 -22.34 -7.02
CA GLY B 220 -21.63 -22.04 -6.42
C GLY B 220 -22.65 -23.15 -6.61
N ILE B 221 -22.68 -23.72 -7.81
CA ILE B 221 -23.56 -24.85 -8.09
C ILE B 221 -23.21 -26.03 -7.19
N VAL B 222 -21.92 -26.28 -7.00
CA VAL B 222 -21.48 -27.37 -6.16
C VAL B 222 -21.89 -27.16 -4.70
N ILE B 223 -21.69 -25.94 -4.20
CA ILE B 223 -22.03 -25.65 -2.82
C ILE B 223 -23.53 -25.79 -2.62
N ARG B 224 -24.30 -25.26 -3.57
CA ARG B 224 -25.75 -25.38 -3.50
C ARG B 224 -26.17 -26.86 -3.44
N ASP B 225 -25.63 -27.66 -4.34
CA ASP B 225 -26.06 -29.05 -4.49
C ASP B 225 -25.60 -29.96 -3.36
N PHE B 226 -24.49 -29.61 -2.71
CA PHE B 226 -23.86 -30.55 -1.78
C PHE B 226 -23.62 -30.03 -0.36
N ALA B 227 -23.90 -28.75 -0.15
CA ALA B 227 -23.82 -28.17 1.20
C ALA B 227 -24.54 -29.02 2.26
N SER B 228 -23.93 -29.14 3.43
CA SER B 228 -24.55 -29.83 4.57
C SER B 228 -25.70 -29.01 5.13
N PRO B 229 -26.54 -29.65 5.96
CA PRO B 229 -27.64 -28.90 6.61
C PRO B 229 -27.07 -27.87 7.60
N GLU B 230 -25.96 -28.21 8.23
CA GLU B 230 -25.23 -27.30 9.11
C GLU B 230 -24.88 -26.00 8.41
N PHE B 231 -24.46 -26.09 7.15
CA PHE B 231 -24.16 -24.89 6.37
C PHE B 231 -25.36 -23.97 6.21
N TRP B 232 -26.45 -24.51 5.66
CA TRP B 232 -27.62 -23.69 5.36
C TRP B 232 -28.17 -23.06 6.62
N THR B 233 -28.01 -23.78 7.72
CA THR B 233 -28.41 -23.31 9.03
C THR B 233 -27.52 -22.15 9.48
N ALA B 234 -26.21 -22.39 9.52
CA ALA B 234 -25.29 -21.36 9.97
C ALA B 234 -25.50 -20.10 9.14
N VAL B 235 -25.92 -20.30 7.90
CA VAL B 235 -25.96 -19.26 6.91
C VAL B 235 -27.35 -18.67 6.71
N GLY B 236 -28.37 -19.35 7.25
CA GLY B 236 -29.71 -18.80 7.28
C GLY B 236 -30.34 -18.74 5.92
N SER B 237 -30.12 -19.78 5.12
CA SER B 237 -30.65 -19.80 3.76
C SER B 237 -30.96 -21.22 3.35
N ALA B 238 -31.17 -21.41 2.04
CA ALA B 238 -31.57 -22.72 1.53
C ALA B 238 -31.31 -22.80 0.04
N PRO B 239 -31.18 -24.02 -0.50
CA PRO B 239 -30.85 -24.20 -1.91
C PRO B 239 -31.89 -23.56 -2.84
N GLU B 240 -33.15 -23.54 -2.40
CA GLU B 240 -34.21 -22.99 -3.26
C GLU B 240 -34.05 -21.50 -3.49
N ASN B 241 -33.29 -20.82 -2.64
CA ASN B 241 -33.03 -19.40 -2.84
C ASN B 241 -31.99 -19.16 -3.93
N PHE B 242 -31.48 -20.24 -4.51
CA PHE B 242 -30.47 -20.16 -5.57
C PHE B 242 -30.86 -21.07 -6.73
N SER B 243 -32.15 -21.05 -7.06
CA SER B 243 -32.73 -21.92 -8.08
C SER B 243 -32.11 -21.73 -9.46
N HIS B 244 -31.60 -20.54 -9.74
CA HIS B 244 -30.97 -20.30 -11.04
C HIS B 244 -29.57 -20.91 -11.14
N LEU B 245 -28.98 -21.29 -10.01
CA LEU B 245 -27.65 -21.90 -10.03
C LEU B 245 -27.67 -23.32 -10.54
N THR B 246 -27.68 -23.47 -11.87
CA THR B 246 -27.67 -24.78 -12.49
C THR B 246 -26.65 -24.75 -13.61
N VAL B 247 -26.18 -25.92 -14.01
CA VAL B 247 -25.25 -26.04 -15.11
C VAL B 247 -25.80 -25.39 -16.39
N MET B 248 -27.06 -25.66 -16.70
CA MET B 248 -27.67 -25.10 -17.91
C MET B 248 -27.77 -23.58 -17.86
N ASN B 249 -28.21 -23.02 -16.73
CA ASN B 249 -28.29 -21.56 -16.57
C ASN B 249 -26.91 -20.90 -16.65
N PHE B 250 -25.91 -21.59 -16.10
CA PHE B 250 -24.51 -21.15 -16.21
C PHE B 250 -24.14 -21.01 -17.68
N ILE B 251 -24.34 -22.06 -18.46
CA ILE B 251 -23.92 -22.03 -19.86
C ILE B 251 -24.65 -20.96 -20.66
N THR B 252 -25.98 -20.95 -20.58
CA THR B 252 -26.78 -20.14 -21.49
C THR B 252 -26.88 -18.67 -21.07
N ASP B 253 -26.91 -18.42 -19.77
CA ASP B 253 -27.14 -17.07 -19.26
C ASP B 253 -25.84 -16.34 -18.92
N ASN B 254 -24.74 -17.06 -18.85
CA ASN B 254 -23.47 -16.41 -18.56
C ASN B 254 -22.36 -16.79 -19.53
N LEU B 255 -22.02 -18.08 -19.61
CA LEU B 255 -20.81 -18.48 -20.31
C LEU B 255 -20.83 -18.11 -21.80
N ILE B 256 -21.89 -18.47 -22.51
CA ILE B 256 -22.04 -18.10 -23.92
C ILE B 256 -21.94 -16.58 -24.16
N PRO B 257 -22.84 -15.80 -23.53
CA PRO B 257 -22.82 -14.34 -23.76
C PRO B 257 -21.53 -13.67 -23.28
N VAL B 258 -21.02 -14.11 -22.13
CA VAL B 258 -19.77 -13.55 -21.59
C VAL B 258 -18.56 -13.88 -22.50
N THR B 259 -18.50 -15.12 -22.96
CA THR B 259 -17.44 -15.56 -23.86
C THR B 259 -17.43 -14.77 -25.19
N ILE B 260 -18.62 -14.60 -25.78
CA ILE B 260 -18.78 -13.77 -26.96
C ILE B 260 -18.26 -12.35 -26.71
N GLY B 261 -18.64 -11.80 -25.55
CA GLY B 261 -18.17 -10.48 -25.15
C GLY B 261 -16.66 -10.40 -24.97
N ASN B 262 -16.09 -11.41 -24.30
CA ASN B 262 -14.64 -11.48 -24.13
C ASN B 262 -13.96 -11.43 -25.51
N ILE B 263 -14.44 -12.25 -26.42
CA ILE B 263 -13.91 -12.27 -27.79
C ILE B 263 -14.07 -10.92 -28.49
N ILE B 264 -15.24 -10.31 -28.40
CA ILE B 264 -15.45 -9.01 -29.03
C ILE B 264 -14.52 -7.96 -28.43
N GLY B 265 -14.32 -8.04 -27.10
CA GLY B 265 -13.44 -7.11 -26.41
C GLY B 265 -12.00 -7.21 -26.90
N GLY B 266 -11.47 -8.43 -26.97
CA GLY B 266 -10.16 -8.64 -27.56
C GLY B 266 -10.14 -8.19 -29.02
N GLY B 267 -11.21 -8.49 -29.75
CA GLY B 267 -11.32 -8.15 -31.16
C GLY B 267 -11.20 -6.65 -31.42
N LEU B 268 -11.86 -5.86 -30.59
CA LEU B 268 -11.80 -4.41 -30.70
C LEU B 268 -10.36 -3.90 -30.59
N LEU B 269 -9.66 -4.39 -29.58
CA LEU B 269 -8.30 -3.95 -29.32
C LEU B 269 -7.36 -4.40 -30.44
N VAL B 270 -7.54 -5.64 -30.91
CA VAL B 270 -6.72 -6.13 -32.01
C VAL B 270 -6.94 -5.30 -33.29
N GLY B 271 -8.19 -4.92 -33.56
CA GLY B 271 -8.51 -4.10 -34.71
C GLY B 271 -7.86 -2.73 -34.61
N LEU B 272 -7.96 -2.14 -33.42
CA LEU B 272 -7.28 -0.87 -33.15
C LEU B 272 -5.78 -1.03 -33.37
N THR B 273 -5.23 -2.15 -32.90
CA THR B 273 -3.79 -2.40 -33.01
C THR B 273 -3.31 -2.52 -34.46
N TYR B 274 -4.05 -3.22 -35.30
CA TYR B 274 -3.70 -3.29 -36.73
C TYR B 274 -3.50 -1.89 -37.29
N TRP B 275 -4.50 -1.03 -37.09
CA TRP B 275 -4.49 0.29 -37.71
C TRP B 275 -3.38 1.19 -37.18
N VAL B 276 -3.13 1.13 -35.88
CA VAL B 276 -2.04 1.90 -35.30
C VAL B 276 -0.72 1.48 -35.93
N ILE B 277 -0.57 0.18 -36.14
CA ILE B 277 0.64 -0.38 -36.72
C ILE B 277 0.67 -0.17 -38.24
N TYR B 278 -0.51 -0.11 -38.85
CA TYR B 278 -0.65 0.06 -40.30
C TYR B 278 -0.59 1.52 -40.73
N LEU B 279 -0.29 2.41 -39.79
CA LEU B 279 -0.19 3.84 -40.09
C LEU B 279 1.11 4.42 -39.56
N ARG B 280 2.17 3.61 -39.59
CA ARG B 280 3.49 4.00 -39.08
C ARG B 280 3.47 4.16 -37.57
N LYS C 29 2.07 9.75 -37.46
CA LYS C 29 2.07 10.95 -38.27
C LYS C 29 0.73 11.17 -38.95
N HIS C 30 0.10 10.08 -39.36
CA HIS C 30 -1.21 10.15 -39.99
C HIS C 30 -2.21 10.79 -39.04
N PRO C 31 -3.01 11.73 -39.56
CA PRO C 31 -4.06 12.38 -38.77
C PRO C 31 -5.10 11.35 -38.37
N LEU C 32 -5.24 10.28 -39.15
CA LEU C 32 -6.12 9.18 -38.82
C LEU C 32 -5.58 8.42 -37.60
N LYS C 33 -4.28 8.18 -37.61
CA LYS C 33 -3.61 7.53 -36.49
C LYS C 33 -3.88 8.31 -35.20
N THR C 34 -3.56 9.59 -35.22
CA THR C 34 -3.80 10.47 -34.08
C THR C 34 -5.25 10.40 -33.62
N PHE C 35 -6.17 10.47 -34.58
CA PHE C 35 -7.59 10.37 -34.28
C PHE C 35 -7.91 9.06 -33.55
N TYR C 36 -7.33 7.96 -34.00
CA TYR C 36 -7.59 6.66 -33.37
C TYR C 36 -6.98 6.59 -31.97
N LEU C 37 -5.82 7.20 -31.80
CA LEU C 37 -5.14 7.24 -30.51
C LEU C 37 -5.83 8.19 -29.54
N ALA C 38 -6.57 9.15 -30.06
CA ALA C 38 -7.29 10.09 -29.22
C ALA C 38 -8.59 9.44 -28.77
N ILE C 39 -9.26 8.73 -29.68
CA ILE C 39 -10.42 7.94 -29.30
C ILE C 39 -9.99 6.96 -28.21
N THR C 40 -8.83 6.34 -28.41
CA THR C 40 -8.30 5.39 -27.45
C THR C 40 -8.11 6.08 -26.10
N ALA C 41 -7.57 7.29 -26.11
CA ALA C 41 -7.38 8.04 -24.88
C ALA C 41 -8.72 8.36 -24.21
N GLY C 42 -9.75 8.60 -25.02
CA GLY C 42 -11.06 8.88 -24.50
C GLY C 42 -11.64 7.68 -23.78
N VAL C 43 -11.44 6.50 -24.36
CA VAL C 43 -11.85 5.26 -23.74
C VAL C 43 -11.11 5.05 -22.41
N PHE C 44 -9.80 5.34 -22.43
CA PHE C 44 -8.93 5.15 -21.26
C PHE C 44 -9.33 6.03 -20.07
N ILE C 45 -9.68 7.29 -20.35
CA ILE C 45 -10.09 8.23 -19.30
C ILE C 45 -11.50 7.87 -18.77
N SER C 46 -12.30 7.21 -19.61
CA SER C 46 -13.60 6.71 -19.19
C SER C 46 -13.43 5.51 -18.27
N ILE C 47 -12.50 4.63 -18.63
CA ILE C 47 -12.12 3.53 -17.75
C ILE C 47 -11.77 4.08 -16.37
N ALA C 48 -10.92 5.10 -16.34
CA ALA C 48 -10.53 5.76 -15.09
C ALA C 48 -11.73 6.28 -14.26
N PHE C 49 -12.66 6.99 -14.90
CA PHE C 49 -13.81 7.52 -14.16
C PHE C 49 -14.75 6.40 -13.74
N VAL C 50 -14.86 5.36 -14.57
CA VAL C 50 -15.64 4.20 -14.16
C VAL C 50 -15.04 3.56 -12.88
N PHE C 51 -13.71 3.44 -12.82
CA PHE C 51 -12.99 2.87 -11.66
C PHE C 51 -13.28 3.72 -10.43
N TYR C 52 -13.11 5.02 -10.61
CA TYR C 52 -13.44 6.00 -9.59
C TYR C 52 -14.85 5.81 -9.03
N ILE C 53 -15.84 5.74 -9.92
CA ILE C 53 -17.22 5.58 -9.49
C ILE C 53 -17.39 4.25 -8.72
N THR C 54 -16.84 3.19 -9.28
CA THR C 54 -16.92 1.88 -8.65
C THR C 54 -16.37 1.94 -7.21
N ALA C 55 -15.15 2.45 -7.07
CA ALA C 55 -14.45 2.50 -5.80
C ALA C 55 -15.21 3.32 -4.76
N THR C 56 -15.88 4.38 -5.21
CA THR C 56 -16.52 5.30 -4.28
C THR C 56 -18.00 5.04 -4.10
N THR C 57 -18.52 3.97 -4.68
CA THR C 57 -19.92 3.66 -4.49
C THR C 57 -20.17 3.14 -3.06
N GLY C 58 -21.18 3.69 -2.40
CA GLY C 58 -21.53 3.32 -1.04
C GLY C 58 -20.59 3.83 0.03
N THR C 59 -19.86 4.91 -0.26
CA THR C 59 -18.86 5.45 0.67
C THR C 59 -19.34 6.75 1.33
N GLY C 60 -20.65 6.95 1.45
CA GLY C 60 -21.19 8.15 2.06
C GLY C 60 -20.97 8.28 3.58
N THR C 61 -20.67 7.16 4.23
CA THR C 61 -20.49 7.09 5.68
C THR C 61 -19.03 7.32 6.06
N MET C 62 -18.16 6.89 5.17
CA MET C 62 -16.71 7.00 5.27
C MET C 62 -16.30 8.48 5.20
N PRO C 63 -15.14 8.83 5.78
CA PRO C 63 -14.72 10.24 5.72
C PRO C 63 -14.49 10.71 4.29
N PHE C 64 -15.06 11.87 3.97
CA PHE C 64 -15.04 12.44 2.62
C PHE C 64 -13.71 12.31 1.89
N GLY C 65 -12.66 12.89 2.47
CA GLY C 65 -11.36 12.99 1.82
C GLY C 65 -10.69 11.65 1.57
N MET C 66 -10.97 10.68 2.43
CA MET C 66 -10.37 9.37 2.35
C MET C 66 -10.97 8.56 1.18
N ALA C 67 -12.30 8.59 1.08
CA ALA C 67 -13.02 7.95 -0.02
C ALA C 67 -12.59 8.53 -1.37
N LYS C 68 -12.52 9.86 -1.44
CA LYS C 68 -12.12 10.57 -2.64
C LYS C 68 -10.67 10.22 -3.01
N LEU C 69 -9.80 10.12 -2.01
CA LEU C 69 -8.40 9.83 -2.26
C LEU C 69 -8.25 8.46 -2.91
N VAL C 70 -8.96 7.48 -2.37
CA VAL C 70 -8.95 6.12 -2.92
C VAL C 70 -9.51 6.14 -4.35
N GLY C 71 -10.61 6.84 -4.56
CA GLY C 71 -11.15 7.03 -5.89
C GLY C 71 -10.12 7.61 -6.84
N GLY C 72 -9.41 8.65 -6.40
CA GLY C 72 -8.39 9.27 -7.23
C GLY C 72 -7.23 8.36 -7.59
N ILE C 73 -6.78 7.55 -6.63
CA ILE C 73 -5.72 6.58 -6.86
C ILE C 73 -6.17 5.61 -7.95
N CYS C 74 -7.42 5.20 -7.86
CA CYS C 74 -7.98 4.29 -8.86
C CYS C 74 -8.05 4.97 -10.23
N PHE C 75 -8.40 6.25 -10.23
CA PHE C 75 -8.53 7.05 -11.45
C PHE C 75 -7.23 7.08 -12.25
N SER C 76 -6.09 7.00 -11.55
CA SER C 76 -4.79 7.12 -12.19
C SER C 76 -4.55 6.05 -13.26
N LEU C 77 -5.25 4.91 -13.13
CA LEU C 77 -5.28 3.90 -14.19
C LEU C 77 -5.35 4.55 -15.58
N GLY C 78 -6.26 5.50 -15.74
CA GLY C 78 -6.50 6.11 -17.05
C GLY C 78 -5.28 6.81 -17.63
N LEU C 79 -4.60 7.60 -16.80
CA LEU C 79 -3.39 8.27 -17.25
C LEU C 79 -2.28 7.24 -17.49
N ILE C 80 -2.25 6.19 -16.66
CA ILE C 80 -1.23 5.17 -16.82
C ILE C 80 -1.42 4.45 -18.16
N LEU C 81 -2.66 4.10 -18.44
CA LEU C 81 -3.06 3.57 -19.74
C LEU C 81 -2.59 4.47 -20.91
N CYS C 82 -2.88 5.78 -20.82
CA CYS C 82 -2.53 6.70 -21.90
C CYS C 82 -1.03 6.76 -22.19
N VAL C 83 -0.23 6.88 -21.13
CA VAL C 83 1.21 7.00 -21.27
C VAL C 83 1.88 5.69 -21.73
N VAL C 84 1.60 4.60 -21.03
CA VAL C 84 2.20 3.31 -21.36
C VAL C 84 1.83 2.84 -22.78
N CYS C 85 0.57 3.04 -23.17
CA CYS C 85 0.09 2.55 -24.47
C CYS C 85 0.26 3.53 -25.65
N GLY C 86 0.60 4.79 -25.37
CA GLY C 86 0.81 5.78 -26.41
C GLY C 86 -0.46 6.43 -26.94
N ALA C 87 -1.46 6.62 -26.08
CA ALA C 87 -2.69 7.30 -26.51
C ALA C 87 -2.52 8.81 -26.43
N ASP C 88 -3.40 9.52 -27.10
CA ASP C 88 -3.26 10.97 -27.17
C ASP C 88 -4.40 11.65 -26.42
N LEU C 89 -4.11 12.05 -25.20
CA LEU C 89 -5.09 12.71 -24.34
C LEU C 89 -4.88 14.22 -24.44
N PHE C 90 -5.95 14.90 -24.85
CA PHE C 90 -5.95 16.34 -25.13
C PHE C 90 -5.04 17.18 -24.22
N THR C 91 -3.94 17.64 -24.81
CA THR C 91 -2.94 18.51 -24.20
C THR C 91 -2.05 17.89 -23.15
N SER C 92 -2.30 16.62 -22.80
CA SER C 92 -1.60 16.03 -21.65
C SER C 92 -0.09 16.10 -21.79
N THR C 93 0.40 16.09 -23.03
CA THR C 93 1.82 15.98 -23.31
C THR C 93 2.45 17.28 -23.81
N VAL C 94 1.76 18.39 -23.62
CA VAL C 94 2.23 19.67 -24.17
C VAL C 94 3.64 20.00 -23.71
N LEU C 95 3.96 19.62 -22.48
CA LEU C 95 5.31 19.88 -21.95
C LEU C 95 6.36 19.01 -22.62
N ILE C 96 5.98 17.81 -23.05
CA ILE C 96 6.90 16.97 -23.79
C ILE C 96 7.22 17.60 -25.12
N VAL C 97 6.18 18.14 -25.75
CA VAL C 97 6.32 18.73 -27.07
C VAL C 97 7.23 19.95 -27.08
N VAL C 98 7.10 20.79 -26.05
CA VAL C 98 7.94 21.97 -25.92
C VAL C 98 9.38 21.56 -25.65
N ALA C 99 9.54 20.59 -24.74
CA ALA C 99 10.88 20.11 -24.34
C ALA C 99 11.70 19.61 -25.52
N LYS C 100 11.07 18.92 -26.45
CA LYS C 100 11.79 18.41 -27.62
C LYS C 100 11.77 19.42 -28.77
N ALA C 101 12.30 20.61 -28.54
CA ALA C 101 12.32 21.66 -29.55
C ALA C 101 13.23 22.83 -29.16
N ALA C 111 -0.15 24.29 -34.25
CA ALA C 111 -0.48 23.04 -33.56
C ALA C 111 -2.00 22.86 -33.42
N LYS C 112 -2.69 22.85 -34.55
CA LYS C 112 -4.15 22.67 -34.57
C LYS C 112 -4.54 21.20 -34.52
N ASN C 113 -3.56 20.36 -34.22
CA ASN C 113 -3.78 18.94 -34.00
C ASN C 113 -4.78 18.72 -32.87
N TRP C 114 -4.85 19.71 -31.98
CA TRP C 114 -5.75 19.71 -30.84
C TRP C 114 -7.21 19.39 -31.20
N LEU C 115 -7.74 20.06 -32.21
CA LEU C 115 -9.11 19.79 -32.67
C LEU C 115 -9.32 18.30 -32.93
N ASN C 116 -8.33 17.69 -33.58
CA ASN C 116 -8.37 16.26 -33.89
C ASN C 116 -8.47 15.42 -32.62
N VAL C 117 -7.56 15.69 -31.69
CA VAL C 117 -7.45 14.93 -30.45
C VAL C 117 -8.67 15.15 -29.55
N TYR C 118 -9.07 16.41 -29.43
CA TYR C 118 -10.19 16.79 -28.58
C TYR C 118 -11.44 16.01 -28.98
N PHE C 119 -11.71 15.99 -30.29
CA PHE C 119 -12.88 15.31 -30.86
CA PHE C 119 -12.91 15.31 -30.76
C PHE C 119 -12.75 13.79 -30.85
N GLY C 120 -11.53 13.31 -31.06
CA GLY C 120 -11.29 11.88 -30.96
C GLY C 120 -11.55 11.45 -29.51
N ASN C 121 -11.07 12.26 -28.57
CA ASN C 121 -11.30 12.04 -27.15
C ASN C 121 -12.79 11.93 -26.85
N LEU C 122 -13.56 12.91 -27.32
CA LEU C 122 -15.01 12.94 -27.17
C LEU C 122 -15.66 11.68 -27.71
N VAL C 123 -15.24 11.26 -28.91
CA VAL C 123 -15.81 10.07 -29.55
C VAL C 123 -15.62 8.84 -28.67
N GLY C 124 -14.42 8.69 -28.12
CA GLY C 124 -14.08 7.55 -27.30
C GLY C 124 -14.85 7.56 -25.99
N ALA C 125 -14.95 8.72 -25.37
CA ALA C 125 -15.75 8.86 -24.16
C ALA C 125 -17.20 8.45 -24.41
N LEU C 126 -17.79 8.94 -25.50
CA LEU C 126 -19.21 8.68 -25.78
C LEU C 126 -19.47 7.20 -26.10
N LEU C 127 -18.56 6.59 -26.85
CA LEU C 127 -18.62 5.14 -27.09
C LEU C 127 -18.61 4.37 -25.75
N PHE C 128 -17.80 4.82 -24.81
CA PHE C 128 -17.73 4.15 -23.51
C PHE C 128 -18.99 4.45 -22.70
N VAL C 129 -19.55 5.64 -22.89
CA VAL C 129 -20.84 5.93 -22.25
C VAL C 129 -21.85 4.87 -22.70
N LEU C 130 -21.86 4.63 -24.02
CA LEU C 130 -22.80 3.69 -24.62
C LEU C 130 -22.58 2.28 -24.09
N LEU C 131 -21.32 1.83 -24.11
CA LEU C 131 -20.99 0.52 -23.62
C LEU C 131 -21.39 0.36 -22.14
N MET C 132 -21.10 1.37 -21.34
CA MET C 132 -21.43 1.31 -19.90
C MET C 132 -22.93 1.28 -19.69
N TRP C 133 -23.67 2.02 -20.50
CA TRP C 133 -25.13 1.98 -20.42
C TRP C 133 -25.67 0.58 -20.75
N LEU C 134 -25.16 -0.01 -21.83
CA LEU C 134 -25.66 -1.33 -22.26
C LEU C 134 -25.30 -2.47 -21.30
N SER C 135 -24.22 -2.30 -20.52
CA SER C 135 -23.80 -3.32 -19.57
C SER C 135 -24.74 -3.46 -18.37
N GLY C 136 -25.56 -2.43 -18.12
CA GLY C 136 -26.51 -2.46 -17.01
C GLY C 136 -25.89 -2.02 -15.68
N GLU C 137 -24.62 -1.63 -15.72
CA GLU C 137 -23.82 -1.25 -14.55
C GLU C 137 -24.47 -0.26 -13.58
N TYR C 138 -25.37 0.58 -14.08
CA TYR C 138 -25.95 1.61 -13.22
C TYR C 138 -26.80 1.03 -12.07
N MET C 139 -27.25 -0.22 -12.22
CA MET C 139 -27.98 -0.92 -11.15
C MET C 139 -27.05 -1.58 -10.12
N THR C 140 -25.73 -1.44 -10.31
CA THR C 140 -24.75 -2.01 -9.37
C THR C 140 -24.96 -1.45 -7.98
N ALA C 141 -24.83 -2.32 -6.98
CA ALA C 141 -25.01 -1.99 -5.56
C ALA C 141 -26.40 -1.42 -5.32
N ASN C 142 -27.41 -2.12 -5.85
CA ASN C 142 -28.80 -1.71 -5.68
C ASN C 142 -29.05 -0.28 -6.24
N GLY C 143 -28.38 0.05 -7.34
CA GLY C 143 -28.53 1.34 -7.98
C GLY C 143 -27.61 2.44 -7.48
N GLN C 144 -26.89 2.20 -6.40
CA GLN C 144 -26.00 3.20 -5.85
C GLN C 144 -24.86 3.59 -6.82
N TRP C 145 -24.43 2.66 -7.66
CA TRP C 145 -23.45 2.98 -8.69
C TRP C 145 -24.03 4.11 -9.57
N GLY C 146 -25.24 3.90 -10.08
CA GLY C 146 -25.90 4.94 -10.87
C GLY C 146 -26.06 6.26 -10.14
N LEU C 147 -26.48 6.21 -8.88
CA LEU C 147 -26.66 7.42 -8.08
C LEU C 147 -25.34 8.17 -7.92
N ASN C 148 -24.28 7.42 -7.68
CA ASN C 148 -22.95 8.02 -7.58
C ASN C 148 -22.66 8.82 -8.88
N VAL C 149 -22.87 8.22 -10.05
CA VAL C 149 -22.73 8.94 -11.32
C VAL C 149 -23.63 10.21 -11.41
N LEU C 150 -24.91 10.07 -11.07
CA LEU C 150 -25.81 11.22 -11.08
C LEU C 150 -25.29 12.39 -10.24
N GLN C 151 -24.92 12.10 -9.00
CA GLN C 151 -24.51 13.13 -8.06
C GLN C 151 -23.17 13.73 -8.42
N THR C 152 -22.25 12.89 -8.92
CA THR C 152 -20.97 13.36 -9.41
C THR C 152 -21.17 14.22 -10.68
N ALA C 153 -21.99 13.74 -11.60
CA ALA C 153 -22.27 14.52 -12.82
C ALA C 153 -22.94 15.85 -12.47
N ASP C 154 -23.89 15.80 -11.54
CA ASP C 154 -24.67 16.98 -11.22
C ASP C 154 -23.81 18.02 -10.53
N HIS C 155 -22.94 17.57 -9.62
CA HIS C 155 -22.03 18.51 -8.97
C HIS C 155 -21.30 19.35 -10.00
N LYS C 156 -20.93 18.70 -11.09
CA LYS C 156 -20.07 19.30 -12.10
C LYS C 156 -20.74 20.37 -13.00
N VAL C 157 -22.05 20.53 -12.90
CA VAL C 157 -22.71 21.59 -13.68
C VAL C 157 -23.25 22.73 -12.80
N HIS C 158 -22.76 22.83 -11.57
CA HIS C 158 -23.21 23.90 -10.67
C HIS C 158 -22.13 24.90 -10.26
N HIS C 159 -21.01 24.92 -10.98
CA HIS C 159 -19.99 25.93 -10.70
C HIS C 159 -20.38 27.24 -11.40
N THR C 160 -19.81 28.35 -10.94
CA THR C 160 -19.84 29.57 -11.73
C THR C 160 -18.81 29.36 -12.83
N PHE C 161 -18.82 30.24 -13.81
CA PHE C 161 -17.91 30.15 -14.95
C PHE C 161 -16.46 30.28 -14.50
N ILE C 162 -16.20 31.24 -13.62
CA ILE C 162 -14.84 31.47 -13.14
C ILE C 162 -14.28 30.27 -12.33
N GLU C 163 -15.07 29.75 -11.40
CA GLU C 163 -14.59 28.61 -10.62
C GLU C 163 -14.41 27.36 -11.50
N ALA C 164 -15.33 27.15 -12.42
CA ALA C 164 -15.15 26.12 -13.44
C ALA C 164 -13.82 26.30 -14.18
N VAL C 165 -13.57 27.51 -14.73
CA VAL C 165 -12.27 27.79 -15.35
C VAL C 165 -11.10 27.45 -14.41
N CYS C 166 -11.19 27.92 -13.17
CA CYS C 166 -10.10 27.76 -12.23
C CYS C 166 -9.87 26.30 -11.83
N LEU C 167 -10.95 25.52 -11.80
CA LEU C 167 -10.84 24.09 -11.53
C LEU C 167 -10.28 23.37 -12.75
N GLY C 168 -10.53 23.94 -13.93
CA GLY C 168 -9.98 23.40 -15.16
C GLY C 168 -8.50 23.69 -15.20
N ILE C 169 -8.11 24.87 -14.72
CA ILE C 169 -6.70 25.21 -14.61
C ILE C 169 -6.01 24.24 -13.66
N LEU C 170 -6.61 24.05 -12.48
CA LEU C 170 -6.02 23.22 -11.44
C LEU C 170 -5.84 21.77 -11.88
N ALA C 171 -6.85 21.24 -12.59
CA ALA C 171 -6.81 19.86 -13.04
C ALA C 171 -5.71 19.60 -14.05
N ASN C 172 -5.56 20.47 -15.04
CA ASN C 172 -4.61 20.21 -16.11
C ASN C 172 -3.17 20.48 -15.68
N LEU C 173 -2.99 21.39 -14.72
CA LEU C 173 -1.69 21.59 -14.10
C LEU C 173 -1.18 20.25 -13.59
N MET C 174 -2.05 19.52 -12.89
CA MET C 174 -1.70 18.23 -12.31
C MET C 174 -1.44 17.17 -13.35
N VAL C 175 -2.30 17.10 -14.36
CA VAL C 175 -2.14 16.13 -15.44
C VAL C 175 -0.83 16.37 -16.19
N CYS C 176 -0.58 17.63 -16.58
CA CYS C 176 0.62 17.92 -17.36
C CYS C 176 1.90 17.66 -16.55
N LEU C 177 1.86 18.00 -15.26
CA LEU C 177 2.99 17.75 -14.40
C LEU C 177 3.22 16.24 -14.25
N ALA C 178 2.14 15.48 -14.19
CA ALA C 178 2.23 14.04 -13.98
C ALA C 178 2.90 13.40 -15.19
N VAL C 179 2.41 13.78 -16.36
CA VAL C 179 2.94 13.31 -17.64
C VAL C 179 4.41 13.70 -17.82
N TRP C 180 4.76 14.91 -17.39
CA TRP C 180 6.14 15.36 -17.43
C TRP C 180 7.06 14.49 -16.57
N MET C 181 6.70 14.31 -15.30
CA MET C 181 7.47 13.48 -14.40
C MET C 181 7.64 12.08 -15.00
N SER C 182 6.54 11.54 -15.51
CA SER C 182 6.56 10.22 -16.11
C SER C 182 7.65 10.10 -17.19
N TYR C 183 7.80 11.13 -18.01
CA TYR C 183 8.78 11.07 -19.11
C TYR C 183 10.25 10.99 -18.68
N SER C 184 10.55 11.45 -17.46
CA SER C 184 11.90 11.27 -16.91
C SER C 184 12.06 9.86 -16.34
N GLY C 185 11.03 9.04 -16.46
CA GLY C 185 11.05 7.68 -15.94
C GLY C 185 11.78 6.70 -16.84
N ARG C 186 12.42 5.70 -16.24
CA ARG C 186 13.16 4.74 -17.04
C ARG C 186 12.36 3.46 -17.22
N SER C 187 11.87 2.94 -16.11
CA SER C 187 11.15 1.68 -16.12
C SER C 187 9.65 1.90 -16.17
N LEU C 188 8.91 0.82 -16.37
CA LEU C 188 7.47 0.84 -16.33
C LEU C 188 6.99 1.35 -14.97
N MET C 189 7.52 0.77 -13.89
CA MET C 189 7.24 1.23 -12.52
C MET C 189 7.38 2.74 -12.39
N ASP C 190 8.54 3.28 -12.82
CA ASP C 190 8.78 4.72 -12.84
C ASP C 190 7.66 5.51 -13.53
N LYS C 191 7.29 5.09 -14.74
CA LYS C 191 6.41 5.90 -15.58
C LYS C 191 4.97 5.85 -15.11
N ALA C 192 4.55 4.70 -14.57
CA ALA C 192 3.18 4.54 -14.10
C ALA C 192 3.02 5.21 -12.75
N PHE C 193 3.84 4.81 -11.80
CA PHE C 193 3.55 5.11 -10.40
C PHE C 193 3.95 6.51 -9.93
N ILE C 194 4.76 7.20 -10.72
CA ILE C 194 5.07 8.59 -10.44
C ILE C 194 3.82 9.44 -10.70
N MET C 195 2.89 8.90 -11.48
CA MET C 195 1.68 9.64 -11.86
C MET C 195 0.50 9.47 -10.88
N VAL C 196 0.61 8.52 -9.96
CA VAL C 196 -0.47 8.22 -9.04
C VAL C 196 -0.83 9.40 -8.11
N LEU C 197 0.14 9.92 -7.38
CA LEU C 197 -0.13 11.03 -6.47
C LEU C 197 -0.69 12.27 -7.18
N PRO C 198 -0.03 12.73 -8.27
CA PRO C 198 -0.49 13.94 -8.95
C PRO C 198 -1.91 13.76 -9.49
N VAL C 199 -2.21 12.60 -10.05
CA VAL C 199 -3.56 12.38 -10.54
C VAL C 199 -4.57 12.30 -9.39
N ALA C 200 -4.27 11.46 -8.39
CA ALA C 200 -5.19 11.28 -7.27
C ALA C 200 -5.51 12.61 -6.62
N MET C 201 -4.51 13.46 -6.50
CA MET C 201 -4.72 14.78 -5.91
C MET C 201 -5.81 15.59 -6.67
N PHE C 202 -5.68 15.72 -7.97
CA PHE C 202 -6.64 16.55 -8.70
C PHE C 202 -8.04 15.94 -8.70
N VAL C 203 -8.10 14.62 -8.73
CA VAL C 203 -9.37 13.94 -8.75
C VAL C 203 -10.06 13.97 -7.38
N ALA C 204 -9.30 13.68 -6.32
CA ALA C 204 -9.87 13.67 -4.99
C ALA C 204 -10.31 15.08 -4.63
N SER C 205 -9.55 16.06 -5.11
CA SER C 205 -9.86 17.46 -4.87
C SER C 205 -11.05 18.00 -5.71
N GLY C 206 -11.60 17.20 -6.62
CA GLY C 206 -12.73 17.63 -7.44
C GLY C 206 -12.37 18.67 -8.49
N PHE C 207 -11.08 18.72 -8.88
CA PHE C 207 -10.67 19.59 -9.98
C PHE C 207 -11.29 19.06 -11.28
N GLU C 208 -11.38 19.92 -12.30
CA GLU C 208 -12.14 19.59 -13.50
C GLU C 208 -11.31 19.28 -14.76
N HIS C 209 -11.41 18.06 -15.27
CA HIS C 209 -10.76 17.67 -16.52
C HIS C 209 -11.80 17.46 -17.62
N SER C 210 -11.70 18.27 -18.69
CA SER C 210 -12.74 18.33 -19.71
C SER C 210 -13.02 16.98 -20.39
N ILE C 211 -11.95 16.25 -20.72
CA ILE C 211 -12.13 14.97 -21.38
C ILE C 211 -12.78 13.95 -20.42
N ALA C 212 -12.30 13.90 -19.18
CA ALA C 212 -12.91 13.02 -18.17
C ALA C 212 -14.40 13.35 -18.06
N ASN C 213 -14.70 14.63 -18.10
CA ASN C 213 -16.08 15.11 -18.06
C ASN C 213 -16.95 14.70 -19.24
N MET C 214 -16.31 14.40 -20.37
CA MET C 214 -17.03 13.97 -21.57
C MET C 214 -17.61 12.59 -21.37
N PHE C 215 -16.98 11.81 -20.51
CA PHE C 215 -17.63 10.60 -20.05
C PHE C 215 -18.68 10.85 -18.93
N MET C 216 -18.28 11.52 -17.86
CA MET C 216 -19.07 11.59 -16.62
C MET C 216 -20.42 12.31 -16.74
N ILE C 217 -20.42 13.51 -17.32
CA ILE C 217 -21.68 14.26 -17.40
C ILE C 217 -22.68 13.60 -18.39
N PRO C 218 -22.21 13.20 -19.58
CA PRO C 218 -23.12 12.45 -20.45
C PRO C 218 -23.61 11.14 -19.82
N MET C 219 -22.73 10.44 -19.12
CA MET C 219 -23.14 9.21 -18.43
C MET C 219 -24.28 9.55 -17.48
N GLY C 220 -24.12 10.63 -16.73
CA GLY C 220 -25.19 11.13 -15.87
C GLY C 220 -26.47 11.50 -16.62
N ILE C 221 -26.32 12.20 -17.74
CA ILE C 221 -27.49 12.56 -18.56
C ILE C 221 -28.25 11.32 -19.04
N VAL C 222 -27.52 10.35 -19.57
CA VAL C 222 -28.07 9.10 -20.07
C VAL C 222 -28.85 8.35 -18.97
N ILE C 223 -28.27 8.28 -17.78
CA ILE C 223 -28.92 7.59 -16.67
C ILE C 223 -30.16 8.36 -16.27
N ARG C 224 -30.02 9.67 -16.12
CA ARG C 224 -31.16 10.47 -15.75
C ARG C 224 -32.33 10.29 -16.72
N ASP C 225 -32.02 10.23 -18.01
CA ASP C 225 -33.07 10.18 -19.02
C ASP C 225 -33.62 8.77 -19.27
N PHE C 226 -32.79 7.75 -19.07
CA PHE C 226 -33.19 6.41 -19.48
C PHE C 226 -33.30 5.38 -18.36
N ALA C 227 -33.01 5.79 -17.13
CA ALA C 227 -33.16 4.92 -15.95
C ALA C 227 -34.57 4.36 -15.87
N SER C 228 -34.67 3.09 -15.51
CA SER C 228 -35.96 2.45 -15.32
C SER C 228 -36.64 3.00 -14.06
N PRO C 229 -37.94 2.73 -13.90
CA PRO C 229 -38.62 3.06 -12.65
C PRO C 229 -38.02 2.30 -11.46
N GLU C 230 -37.59 1.06 -11.67
CA GLU C 230 -36.95 0.26 -10.60
C GLU C 230 -35.73 1.00 -10.04
N PHE C 231 -34.92 1.58 -10.93
CA PHE C 231 -33.75 2.32 -10.48
C PHE C 231 -34.15 3.47 -9.57
N TRP C 232 -35.12 4.27 -9.98
CA TRP C 232 -35.55 5.40 -9.16
C TRP C 232 -36.11 4.94 -7.82
N THR C 233 -36.88 3.86 -7.82
CA THR C 233 -37.36 3.31 -6.58
C THR C 233 -36.16 2.87 -5.72
N ALA C 234 -35.18 2.21 -6.32
CA ALA C 234 -34.03 1.71 -5.57
C ALA C 234 -33.32 2.85 -4.84
N VAL C 235 -33.30 4.01 -5.46
CA VAL C 235 -32.32 5.03 -5.14
C VAL C 235 -32.99 6.15 -4.33
N GLY C 236 -34.31 6.07 -4.22
CA GLY C 236 -35.07 7.04 -3.45
C GLY C 236 -35.12 8.40 -4.12
N SER C 237 -35.18 8.43 -5.44
CA SER C 237 -35.09 9.70 -6.14
C SER C 237 -35.95 9.71 -7.39
N ALA C 238 -35.71 10.71 -8.25
CA ALA C 238 -36.49 10.91 -9.46
C ALA C 238 -35.71 11.82 -10.42
N PRO C 239 -36.00 11.75 -11.72
CA PRO C 239 -35.30 12.54 -12.75
C PRO C 239 -35.32 14.05 -12.45
N GLU C 240 -36.45 14.52 -11.91
CA GLU C 240 -36.64 15.94 -11.63
C GLU C 240 -35.72 16.46 -10.53
N ASN C 241 -35.13 15.56 -9.75
CA ASN C 241 -34.16 15.95 -8.72
C ASN C 241 -32.82 16.30 -9.34
N PHE C 242 -32.67 16.01 -10.64
CA PHE C 242 -31.43 16.28 -11.34
C PHE C 242 -31.70 17.10 -12.60
N SER C 243 -32.57 18.11 -12.47
CA SER C 243 -33.06 18.84 -13.64
C SER C 243 -32.00 19.64 -14.42
N HIS C 244 -30.82 19.84 -13.83
CA HIS C 244 -29.79 20.59 -14.52
C HIS C 244 -28.86 19.70 -15.33
N LEU C 245 -29.04 18.38 -15.22
CA LEU C 245 -28.29 17.44 -16.04
C LEU C 245 -28.84 17.36 -17.45
N THR C 246 -28.48 18.35 -18.27
CA THR C 246 -28.90 18.39 -19.67
C THR C 246 -27.68 18.59 -20.54
N VAL C 247 -27.86 18.32 -21.83
CA VAL C 247 -26.78 18.48 -22.79
C VAL C 247 -26.30 19.93 -22.80
N MET C 248 -27.25 20.85 -22.94
CA MET C 248 -26.98 22.27 -22.91
C MET C 248 -26.18 22.69 -21.68
N ASN C 249 -26.65 22.29 -20.50
CA ASN C 249 -25.95 22.68 -19.28
C ASN C 249 -24.57 22.06 -19.23
N PHE C 250 -24.44 20.84 -19.73
CA PHE C 250 -23.14 20.19 -19.79
C PHE C 250 -22.21 21.06 -20.60
N ILE C 251 -22.60 21.35 -21.84
CA ILE C 251 -21.72 22.09 -22.74
C ILE C 251 -21.37 23.48 -22.19
N THR C 252 -22.37 24.22 -21.72
CA THR C 252 -22.16 25.61 -21.33
C THR C 252 -21.60 25.82 -19.91
N ASP C 253 -22.13 25.10 -18.92
CA ASP C 253 -21.72 25.33 -17.54
C ASP C 253 -20.47 24.57 -17.15
N ASN C 254 -20.12 23.54 -17.91
CA ASN C 254 -18.91 22.80 -17.61
C ASN C 254 -17.91 22.76 -18.75
N LEU C 255 -18.32 22.16 -19.86
CA LEU C 255 -17.35 21.79 -20.89
C LEU C 255 -16.59 23.01 -21.43
N ILE C 256 -17.31 24.08 -21.69
CA ILE C 256 -16.65 25.30 -22.19
C ILE C 256 -15.63 25.89 -21.21
N PRO C 257 -16.08 26.30 -20.01
CA PRO C 257 -15.17 26.93 -19.03
C PRO C 257 -14.06 25.97 -18.56
N VAL C 258 -14.39 24.69 -18.43
CA VAL C 258 -13.39 23.70 -18.02
C VAL C 258 -12.33 23.51 -19.11
N THR C 259 -12.76 23.45 -20.36
CA THR C 259 -11.83 23.33 -21.49
C THR C 259 -10.90 24.55 -21.57
N ILE C 260 -11.49 25.74 -21.47
CA ILE C 260 -10.70 26.97 -21.35
C ILE C 260 -9.69 26.90 -20.19
N GLY C 261 -10.17 26.48 -19.02
CA GLY C 261 -9.31 26.40 -17.86
C GLY C 261 -8.17 25.42 -18.08
N ASN C 262 -8.51 24.25 -18.60
CA ASN C 262 -7.50 23.25 -18.95
C ASN C 262 -6.42 23.89 -19.82
N ILE C 263 -6.86 24.55 -20.89
CA ILE C 263 -5.94 25.15 -21.85
C ILE C 263 -5.00 26.13 -21.15
N ILE C 264 -5.58 26.99 -20.31
CA ILE C 264 -4.80 27.96 -19.54
C ILE C 264 -3.81 27.27 -18.61
N GLY C 265 -4.28 26.28 -17.85
CA GLY C 265 -3.42 25.50 -16.99
C GLY C 265 -2.17 24.98 -17.70
N GLY C 266 -2.36 24.31 -18.84
CA GLY C 266 -1.25 23.85 -19.64
C GLY C 266 -0.41 25.00 -20.20
N GLY C 267 -1.07 26.11 -20.52
CA GLY C 267 -0.37 27.27 -21.04
C GLY C 267 0.58 27.88 -20.02
N LEU C 268 0.15 27.92 -18.77
CA LEU C 268 0.96 28.45 -17.68
C LEU C 268 2.28 27.67 -17.55
N LEU C 269 2.19 26.36 -17.73
CA LEU C 269 3.36 25.49 -17.61
C LEU C 269 4.27 25.63 -18.82
N VAL C 270 3.68 25.73 -20.01
CA VAL C 270 4.45 25.97 -21.22
C VAL C 270 5.26 27.26 -21.09
N GLY C 271 4.58 28.31 -20.64
CA GLY C 271 5.19 29.62 -20.48
C GLY C 271 6.20 29.70 -19.34
N LEU C 272 6.10 28.78 -18.38
CA LEU C 272 7.08 28.73 -17.31
C LEU C 272 8.30 27.99 -17.83
N THR C 273 8.04 26.98 -18.66
CA THR C 273 9.09 26.17 -19.27
C THR C 273 10.03 26.99 -20.13
N TYR C 274 9.47 27.87 -20.96
CA TYR C 274 10.28 28.68 -21.85
C TYR C 274 11.29 29.56 -21.11
N TRP C 275 10.82 30.35 -20.15
CA TRP C 275 11.70 31.19 -19.35
C TRP C 275 12.86 30.37 -18.80
N VAL C 276 12.63 29.08 -18.62
CA VAL C 276 13.63 28.17 -18.06
C VAL C 276 14.21 27.26 -19.13
N LYS D 29 22.79 29.21 -12.73
CA LYS D 29 22.92 30.07 -11.56
C LYS D 29 22.30 31.45 -11.80
N HIS D 30 21.47 31.55 -12.84
CA HIS D 30 20.83 32.82 -13.19
C HIS D 30 19.81 33.22 -12.13
N PRO D 31 19.96 34.43 -11.56
CA PRO D 31 19.13 34.93 -10.46
C PRO D 31 17.63 34.87 -10.76
N LEU D 32 17.25 35.17 -12.00
CA LEU D 32 15.85 35.23 -12.38
C LEU D 32 15.27 33.84 -12.64
N LYS D 33 16.12 32.91 -13.03
CA LYS D 33 15.68 31.54 -13.26
C LYS D 33 15.30 30.85 -11.95
N THR D 34 16.15 31.01 -10.94
CA THR D 34 15.86 30.42 -9.64
C THR D 34 14.61 31.08 -9.05
N PHE D 35 14.40 32.34 -9.39
CA PHE D 35 13.20 33.05 -8.94
C PHE D 35 11.94 32.38 -9.48
N TYR D 36 11.97 31.99 -10.75
CA TYR D 36 10.86 31.28 -11.36
C TYR D 36 10.75 29.86 -10.80
N LEU D 37 11.90 29.24 -10.55
CA LEU D 37 11.92 27.91 -9.97
C LEU D 37 11.46 27.97 -8.52
N ALA D 38 11.81 29.05 -7.83
CA ALA D 38 11.32 29.28 -6.48
C ALA D 38 9.81 29.49 -6.48
N ILE D 39 9.30 30.33 -7.36
CA ILE D 39 7.86 30.49 -7.47
C ILE D 39 7.19 29.15 -7.76
N THR D 40 7.83 28.33 -8.58
CA THR D 40 7.30 27.02 -8.94
C THR D 40 7.20 26.11 -7.71
N ALA D 41 8.25 26.12 -6.89
CA ALA D 41 8.29 25.33 -5.66
C ALA D 41 7.20 25.78 -4.67
N GLY D 42 6.94 27.08 -4.64
CA GLY D 42 5.87 27.63 -3.82
C GLY D 42 4.53 27.06 -4.24
N VAL D 43 4.30 26.99 -5.55
CA VAL D 43 3.10 26.35 -6.06
C VAL D 43 3.08 24.86 -5.71
N PHE D 44 4.24 24.22 -5.82
CA PHE D 44 4.33 22.78 -5.53
C PHE D 44 3.96 22.44 -4.08
N ILE D 45 4.48 23.21 -3.13
CA ILE D 45 4.18 22.96 -1.73
C ILE D 45 2.73 23.33 -1.41
N SER D 46 2.20 24.34 -2.07
CA SER D 46 0.79 24.68 -1.94
C SER D 46 -0.05 23.50 -2.42
N ILE D 47 0.37 22.89 -3.53
CA ILE D 47 -0.31 21.72 -4.04
C ILE D 47 -0.30 20.65 -2.95
N ALA D 48 0.84 20.49 -2.29
CA ALA D 48 0.95 19.52 -1.21
C ALA D 48 -0.08 19.76 -0.10
N PHE D 49 -0.18 21.00 0.37
CA PHE D 49 -1.08 21.30 1.47
C PHE D 49 -2.55 21.16 1.07
N VAL D 50 -2.89 21.57 -0.16
CA VAL D 50 -4.24 21.38 -0.68
C VAL D 50 -4.58 19.90 -0.65
N PHE D 51 -3.65 19.07 -1.14
CA PHE D 51 -3.84 17.62 -1.15
C PHE D 51 -4.04 17.12 0.29
N TYR D 52 -3.25 17.67 1.21
CA TYR D 52 -3.37 17.29 2.61
C TYR D 52 -4.76 17.64 3.13
N ILE D 53 -5.20 18.85 2.80
CA ILE D 53 -6.50 19.31 3.27
C ILE D 53 -7.59 18.41 2.71
N THR D 54 -7.51 18.14 1.41
CA THR D 54 -8.47 17.26 0.75
C THR D 54 -8.55 15.90 1.43
N ALA D 55 -7.43 15.23 1.59
CA ALA D 55 -7.45 13.88 2.14
C ALA D 55 -7.97 13.86 3.58
N THR D 56 -7.67 14.91 4.35
CA THR D 56 -8.06 14.95 5.76
C THR D 56 -9.39 15.64 6.03
N THR D 57 -10.09 16.03 4.98
CA THR D 57 -11.40 16.65 5.14
C THR D 57 -12.45 15.63 5.60
N GLY D 58 -13.19 15.99 6.64
CA GLY D 58 -14.20 15.11 7.21
C GLY D 58 -13.65 13.91 7.97
N THR D 59 -12.39 13.96 8.40
CA THR D 59 -11.78 12.83 9.13
C THR D 59 -12.00 12.91 10.63
N GLY D 60 -13.02 13.65 11.05
CA GLY D 60 -13.26 13.89 12.46
C GLY D 60 -13.48 12.67 13.33
N THR D 61 -14.10 11.63 12.80
CA THR D 61 -14.40 10.41 13.56
C THR D 61 -13.30 9.37 13.39
N MET D 62 -12.22 9.77 12.72
CA MET D 62 -11.14 8.86 12.40
C MET D 62 -10.06 9.10 13.44
N PRO D 63 -9.31 8.04 13.80
CA PRO D 63 -8.21 8.21 14.76
C PRO D 63 -7.22 9.29 14.31
N PHE D 64 -6.94 10.23 15.20
CA PHE D 64 -6.10 11.38 14.90
C PHE D 64 -4.86 11.07 14.06
N GLY D 65 -4.06 10.11 14.52
CA GLY D 65 -2.79 9.79 13.88
C GLY D 65 -2.92 9.17 12.50
N MET D 66 -3.97 8.37 12.30
CA MET D 66 -4.23 7.71 11.04
C MET D 66 -4.59 8.75 9.94
N ALA D 67 -5.51 9.67 10.26
CA ALA D 67 -5.88 10.72 9.32
C ALA D 67 -4.67 11.56 8.96
N LYS D 68 -3.92 11.95 9.99
CA LYS D 68 -2.76 12.81 9.83
C LYS D 68 -1.68 12.12 9.01
N LEU D 69 -1.54 10.82 9.22
CA LEU D 69 -0.52 10.05 8.49
C LEU D 69 -0.84 10.04 6.99
N VAL D 70 -2.09 9.76 6.67
CA VAL D 70 -2.54 9.73 5.28
C VAL D 70 -2.38 11.10 4.61
N GLY D 71 -2.78 12.16 5.30
CA GLY D 71 -2.56 13.50 4.81
C GLY D 71 -1.08 13.76 4.57
N GLY D 72 -0.24 13.27 5.49
CA GLY D 72 1.20 13.40 5.35
C GLY D 72 1.78 12.69 4.14
N ILE D 73 1.30 11.47 3.88
CA ILE D 73 1.67 10.74 2.68
C ILE D 73 1.28 11.53 1.41
N CYS D 74 0.08 12.08 1.40
CA CYS D 74 -0.38 12.87 0.25
C CYS D 74 0.48 14.11 0.06
N PHE D 75 0.81 14.77 1.17
CA PHE D 75 1.62 15.98 1.15
C PHE D 75 2.97 15.78 0.46
N SER D 76 3.49 14.55 0.50
CA SER D 76 4.80 14.26 -0.08
C SER D 76 4.83 14.56 -1.58
N LEU D 77 3.65 14.57 -2.20
CA LEU D 77 3.47 14.99 -3.60
C LEU D 77 4.30 16.25 -3.90
N GLY D 78 4.22 17.22 -3.01
CA GLY D 78 4.87 18.50 -3.22
C GLY D 78 6.38 18.44 -3.29
N LEU D 79 7.00 17.62 -2.44
CA LEU D 79 8.45 17.47 -2.44
C LEU D 79 8.90 16.60 -3.60
N ILE D 80 8.08 15.60 -3.95
CA ILE D 80 8.36 14.79 -5.14
C ILE D 80 8.38 15.70 -6.38
N LEU D 81 7.38 16.58 -6.48
CA LEU D 81 7.32 17.58 -7.55
C LEU D 81 8.58 18.43 -7.57
N CYS D 82 8.92 19.04 -6.44
CA CYS D 82 10.09 19.90 -6.34
C CYS D 82 11.36 19.24 -6.87
N VAL D 83 11.71 18.11 -6.29
CA VAL D 83 12.91 17.37 -6.67
C VAL D 83 12.91 16.87 -8.13
N VAL D 84 11.88 16.13 -8.53
CA VAL D 84 11.82 15.58 -9.87
C VAL D 84 11.81 16.66 -10.97
N CYS D 85 11.08 17.74 -10.74
CA CYS D 85 10.94 18.79 -11.75
C CYS D 85 12.07 19.83 -11.68
N GLY D 86 12.81 19.80 -10.58
CA GLY D 86 13.96 20.69 -10.42
C GLY D 86 13.61 22.04 -9.83
N ALA D 87 12.60 22.09 -8.98
CA ALA D 87 12.17 23.34 -8.36
C ALA D 87 13.07 23.72 -7.20
N ASP D 88 12.94 24.95 -6.73
CA ASP D 88 13.82 25.49 -5.72
C ASP D 88 13.05 25.79 -4.45
N LEU D 89 13.08 24.85 -3.51
CA LEU D 89 12.43 25.02 -2.22
C LEU D 89 13.42 25.48 -1.14
N PHE D 90 13.19 26.69 -0.65
CA PHE D 90 14.00 27.32 0.40
C PHE D 90 14.75 26.35 1.33
N THR D 91 16.05 26.18 1.05
CA THR D 91 17.01 25.42 1.88
C THR D 91 16.90 23.89 1.82
N SER D 92 15.91 23.37 1.12
CA SER D 92 15.67 21.94 1.09
C SER D 92 16.87 21.13 0.59
N THR D 93 17.68 21.75 -0.27
CA THR D 93 18.80 21.04 -0.90
C THR D 93 20.16 21.42 -0.33
N VAL D 94 20.16 22.17 0.76
CA VAL D 94 21.40 22.68 1.32
C VAL D 94 22.45 21.59 1.59
N LEU D 95 22.02 20.43 2.07
CA LEU D 95 22.96 19.34 2.35
C LEU D 95 23.68 18.90 1.07
N ILE D 96 22.93 18.86 -0.03
CA ILE D 96 23.51 18.52 -1.33
C ILE D 96 24.56 19.55 -1.75
N VAL D 97 24.22 20.83 -1.66
CA VAL D 97 25.14 21.90 -2.04
C VAL D 97 26.53 21.65 -1.46
N VAL D 98 26.58 21.31 -0.18
CA VAL D 98 27.84 21.04 0.49
C VAL D 98 28.63 19.92 -0.20
N ALA D 99 28.07 18.72 -0.19
CA ALA D 99 28.76 17.55 -0.73
C ALA D 99 29.11 17.71 -2.21
N LYS D 100 28.31 18.49 -2.94
CA LYS D 100 28.57 18.74 -4.35
C LYS D 100 29.80 19.61 -4.52
N ALA D 101 29.94 20.60 -3.66
CA ALA D 101 31.10 21.48 -3.68
C ALA D 101 32.28 20.79 -3.02
N SER D 102 32.14 19.49 -2.78
CA SER D 102 33.18 18.71 -2.13
C SER D 102 33.68 19.40 -0.87
N GLY D 103 32.81 20.16 -0.23
CA GLY D 103 33.17 20.92 0.96
C GLY D 103 34.01 22.13 0.63
N ARG D 104 33.43 23.08 -0.10
CA ARG D 104 34.12 24.30 -0.47
C ARG D 104 33.17 25.50 -0.51
N ILE D 105 32.85 26.06 0.65
CA ILE D 105 31.97 27.22 0.72
C ILE D 105 31.93 27.83 2.12
N THR D 106 31.47 29.07 2.22
CA THR D 106 31.40 29.77 3.50
C THR D 106 29.98 30.23 3.82
N TRP D 107 29.81 30.84 5.00
CA TRP D 107 28.51 31.34 5.42
C TRP D 107 27.91 32.29 4.39
N GLY D 108 28.59 33.42 4.18
CA GLY D 108 28.09 34.46 3.30
C GLY D 108 27.86 34.03 1.86
N GLN D 109 28.20 32.78 1.56
CA GLN D 109 28.00 32.26 0.21
C GLN D 109 26.80 31.32 0.12
N LEU D 110 26.62 30.50 1.16
CA LEU D 110 25.54 29.51 1.18
C LEU D 110 24.15 30.13 1.27
N ALA D 111 24.06 31.45 1.18
CA ALA D 111 22.78 32.13 1.29
C ALA D 111 22.66 33.35 0.37
N LYS D 112 23.16 33.22 -0.86
CA LYS D 112 23.00 34.27 -1.84
C LYS D 112 21.60 34.23 -2.44
N ASN D 113 21.16 33.03 -2.79
CA ASN D 113 19.84 32.82 -3.38
C ASN D 113 18.75 32.65 -2.33
N TRP D 114 19.13 32.64 -1.06
CA TRP D 114 18.20 32.37 0.04
C TRP D 114 16.98 33.31 0.11
N LEU D 115 17.21 34.62 0.10
CA LEU D 115 16.10 35.57 0.11
C LEU D 115 15.43 35.60 -1.25
N ASN D 116 16.20 35.20 -2.26
CA ASN D 116 15.70 35.09 -3.62
C ASN D 116 14.69 33.94 -3.70
N VAL D 117 15.11 32.78 -3.22
CA VAL D 117 14.25 31.59 -3.24
C VAL D 117 13.06 31.78 -2.32
N TYR D 118 13.32 32.36 -1.14
CA TYR D 118 12.29 32.59 -0.14
C TYR D 118 11.13 33.43 -0.66
N PHE D 119 11.43 34.66 -1.07
CA PHE D 119 10.37 35.53 -1.56
C PHE D 119 9.76 34.97 -2.84
N GLY D 120 10.58 34.35 -3.68
CA GLY D 120 10.05 33.66 -4.85
C GLY D 120 9.05 32.61 -4.41
N ASN D 121 9.44 31.80 -3.43
CA ASN D 121 8.55 30.80 -2.86
C ASN D 121 7.26 31.44 -2.37
N LEU D 122 7.37 32.58 -1.71
CA LEU D 122 6.21 33.27 -1.16
C LEU D 122 5.23 33.66 -2.27
N VAL D 123 5.76 34.16 -3.37
CA VAL D 123 4.93 34.54 -4.52
C VAL D 123 4.18 33.32 -5.02
N GLY D 124 4.87 32.19 -5.09
CA GLY D 124 4.25 30.94 -5.51
C GLY D 124 3.07 30.58 -4.64
N ALA D 125 3.28 30.59 -3.32
CA ALA D 125 2.22 30.29 -2.37
C ALA D 125 1.03 31.22 -2.55
N LEU D 126 1.29 32.53 -2.49
CA LEU D 126 0.24 33.52 -2.63
C LEU D 126 -0.55 33.36 -3.92
N LEU D 127 0.14 33.11 -5.04
CA LEU D 127 -0.54 32.90 -6.31
C LEU D 127 -1.53 31.74 -6.22
N PHE D 128 -1.09 30.65 -5.60
CA PHE D 128 -1.92 29.46 -5.51
C PHE D 128 -3.06 29.67 -4.53
N VAL D 129 -2.83 30.55 -3.55
CA VAL D 129 -3.89 30.96 -2.64
C VAL D 129 -5.02 31.62 -3.44
N LEU D 130 -4.67 32.63 -4.22
CA LEU D 130 -5.62 33.33 -5.07
C LEU D 130 -6.40 32.33 -5.95
N LEU D 131 -5.67 31.47 -6.65
CA LEU D 131 -6.27 30.46 -7.49
C LEU D 131 -7.23 29.52 -6.72
N MET D 132 -6.79 29.03 -5.57
CA MET D 132 -7.65 28.16 -4.75
C MET D 132 -8.91 28.90 -4.26
N TRP D 133 -8.75 30.17 -3.89
CA TRP D 133 -9.91 30.94 -3.48
C TRP D 133 -10.89 31.13 -4.64
N LEU D 134 -10.35 31.39 -5.83
CA LEU D 134 -11.17 31.61 -7.01
C LEU D 134 -11.90 30.35 -7.47
N SER D 135 -11.40 29.18 -7.05
CA SER D 135 -11.96 27.91 -7.50
C SER D 135 -13.26 27.60 -6.77
N GLY D 136 -13.53 28.32 -5.68
CA GLY D 136 -14.67 28.04 -4.82
C GLY D 136 -14.49 26.76 -4.01
N GLU D 137 -13.26 26.25 -3.97
CA GLU D 137 -12.96 24.97 -3.30
C GLU D 137 -13.33 24.90 -1.81
N TYR D 138 -13.41 26.05 -1.14
CA TYR D 138 -13.66 26.04 0.29
C TYR D 138 -15.06 25.57 0.65
N MET D 139 -15.92 25.42 -0.36
CA MET D 139 -17.28 24.90 -0.14
C MET D 139 -17.37 23.39 -0.31
N THR D 140 -16.26 22.76 -0.71
CA THR D 140 -16.19 21.31 -0.83
C THR D 140 -16.61 20.60 0.47
N ALA D 141 -17.32 19.48 0.32
CA ALA D 141 -17.86 18.71 1.44
C ALA D 141 -18.66 19.60 2.38
N ASN D 142 -19.67 20.26 1.83
CA ASN D 142 -20.53 21.19 2.58
C ASN D 142 -19.75 22.20 3.43
N GLY D 143 -18.68 22.75 2.86
CA GLY D 143 -17.84 23.69 3.56
C GLY D 143 -16.82 23.09 4.52
N GLN D 144 -16.77 21.76 4.61
CA GLN D 144 -15.81 21.11 5.52
C GLN D 144 -14.37 21.28 5.05
N TRP D 145 -14.16 21.35 3.74
CA TRP D 145 -12.85 21.66 3.17
C TRP D 145 -12.35 23.00 3.73
N GLY D 146 -13.19 24.03 3.63
CA GLY D 146 -12.83 25.33 4.15
C GLY D 146 -12.57 25.31 5.64
N LEU D 147 -13.47 24.68 6.39
CA LEU D 147 -13.33 24.62 7.84
C LEU D 147 -12.00 23.96 8.23
N ASN D 148 -11.59 22.95 7.47
CA ASN D 148 -10.33 22.25 7.69
C ASN D 148 -9.15 23.21 7.59
N VAL D 149 -9.20 24.10 6.60
CA VAL D 149 -8.16 25.10 6.44
C VAL D 149 -8.18 26.08 7.62
N LEU D 150 -9.37 26.56 7.97
CA LEU D 150 -9.49 27.47 9.11
C LEU D 150 -8.80 26.87 10.34
N GLN D 151 -9.23 25.68 10.73
CA GLN D 151 -8.65 25.01 11.89
C GLN D 151 -7.15 24.73 11.75
N THR D 152 -6.72 24.30 10.56
CA THR D 152 -5.30 24.03 10.36
C THR D 152 -4.47 25.32 10.43
N ALA D 153 -4.95 26.37 9.78
CA ALA D 153 -4.30 27.68 9.86
C ALA D 153 -4.31 28.20 11.30
N ASP D 154 -5.46 28.12 11.94
CA ASP D 154 -5.64 28.64 13.29
C ASP D 154 -4.66 28.02 14.28
N HIS D 155 -4.47 26.70 14.15
CA HIS D 155 -3.57 25.96 15.03
C HIS D 155 -2.14 26.49 14.94
N LYS D 156 -1.72 26.88 13.75
CA LYS D 156 -0.35 27.30 13.50
C LYS D 156 0.03 28.69 14.04
N VAL D 157 -0.94 29.44 14.55
CA VAL D 157 -0.63 30.76 15.10
C VAL D 157 -0.86 30.83 16.61
N HIS D 158 -0.86 29.67 17.26
CA HIS D 158 -1.03 29.64 18.71
C HIS D 158 0.16 29.00 19.41
N HIS D 159 1.33 29.11 18.78
CA HIS D 159 2.56 28.55 19.34
C HIS D 159 3.42 29.58 20.05
N THR D 160 4.09 29.14 21.11
CA THR D 160 5.14 29.93 21.72
C THR D 160 6.26 30.11 20.71
N PHE D 161 6.92 31.26 20.76
CA PHE D 161 8.05 31.52 19.87
C PHE D 161 9.00 30.32 19.91
N ILE D 162 9.36 29.90 21.12
CA ILE D 162 10.26 28.77 21.31
C ILE D 162 9.77 27.52 20.57
N GLU D 163 8.59 27.04 20.95
CA GLU D 163 8.07 25.83 20.36
C GLU D 163 7.84 25.93 18.84
N ALA D 164 7.68 27.14 18.32
CA ALA D 164 7.57 27.33 16.87
C ALA D 164 8.93 27.18 16.17
N VAL D 165 9.98 27.69 16.80
CA VAL D 165 11.34 27.51 16.33
C VAL D 165 11.69 26.02 16.35
N CYS D 166 11.27 25.36 17.42
CA CYS D 166 11.53 23.93 17.58
C CYS D 166 10.76 23.09 16.54
N LEU D 167 9.47 23.36 16.39
CA LEU D 167 8.68 22.72 15.33
C LEU D 167 9.30 23.05 13.98
N GLY D 168 9.82 24.27 13.85
CA GLY D 168 10.50 24.72 12.65
C GLY D 168 11.74 23.91 12.32
N ILE D 169 12.62 23.73 13.29
CA ILE D 169 13.81 22.92 13.08
C ILE D 169 13.47 21.44 12.82
N LEU D 170 12.46 20.94 13.52
CA LEU D 170 12.01 19.56 13.32
C LEU D 170 11.54 19.36 11.89
N ALA D 171 10.78 20.32 11.37
CA ALA D 171 10.25 20.20 10.01
C ALA D 171 11.36 20.19 8.96
N ASN D 172 12.32 21.10 9.10
CA ASN D 172 13.39 21.18 8.12
C ASN D 172 14.41 20.05 8.22
N LEU D 173 14.63 19.54 9.42
CA LEU D 173 15.41 18.31 9.58
C LEU D 173 14.82 17.27 8.64
N MET D 174 13.51 17.06 8.74
CA MET D 174 12.86 16.04 7.93
C MET D 174 12.93 16.33 6.42
N VAL D 175 12.73 17.59 6.02
CA VAL D 175 12.80 17.92 4.59
C VAL D 175 14.21 17.72 4.03
N CYS D 176 15.20 18.28 4.69
CA CYS D 176 16.58 18.13 4.25
C CYS D 176 17.03 16.66 4.18
N LEU D 177 16.71 15.89 5.21
CA LEU D 177 17.01 14.46 5.18
C LEU D 177 16.35 13.78 3.99
N ALA D 178 15.08 14.11 3.76
CA ALA D 178 14.33 13.52 2.67
C ALA D 178 15.02 13.81 1.33
N VAL D 179 15.35 15.08 1.13
CA VAL D 179 16.03 15.53 -0.08
C VAL D 179 17.43 14.91 -0.26
N TRP D 180 18.19 14.86 0.83
CA TRP D 180 19.49 14.19 0.76
C TRP D 180 19.34 12.71 0.34
N MET D 181 18.35 12.03 0.90
CA MET D 181 18.16 10.62 0.55
C MET D 181 17.79 10.47 -0.91
N SER D 182 16.89 11.34 -1.37
CA SER D 182 16.46 11.32 -2.77
C SER D 182 17.65 11.35 -3.74
N TYR D 183 18.58 12.27 -3.47
CA TYR D 183 19.76 12.45 -4.32
C TYR D 183 20.68 11.23 -4.45
N SER D 184 20.48 10.21 -3.63
CA SER D 184 21.26 8.98 -3.73
C SER D 184 20.49 7.93 -4.53
N GLY D 185 19.27 8.28 -4.94
CA GLY D 185 18.49 7.42 -5.81
C GLY D 185 18.97 7.38 -7.25
N ARG D 186 18.66 6.28 -7.93
CA ARG D 186 18.97 6.15 -9.34
C ARG D 186 17.70 6.37 -10.15
N SER D 187 16.74 5.49 -9.94
CA SER D 187 15.49 5.52 -10.68
C SER D 187 14.57 6.63 -10.19
N LEU D 188 13.51 6.88 -10.96
CA LEU D 188 12.44 7.77 -10.55
C LEU D 188 11.78 7.26 -9.28
N MET D 189 11.50 5.95 -9.22
CA MET D 189 10.98 5.33 -7.99
C MET D 189 11.86 5.64 -6.78
N ASP D 190 13.17 5.47 -6.95
CA ASP D 190 14.11 5.73 -5.87
C ASP D 190 13.89 7.14 -5.33
N LYS D 191 14.02 8.12 -6.23
CA LYS D 191 14.10 9.53 -5.85
C LYS D 191 12.81 10.03 -5.23
N ALA D 192 11.70 9.51 -5.73
CA ALA D 192 10.38 9.95 -5.28
C ALA D 192 10.01 9.27 -3.96
N PHE D 193 9.94 7.94 -3.97
CA PHE D 193 9.28 7.25 -2.89
C PHE D 193 10.10 7.07 -1.59
N ILE D 194 11.38 7.43 -1.62
CA ILE D 194 12.20 7.44 -0.42
C ILE D 194 11.85 8.66 0.44
N MET D 195 11.17 9.63 -0.16
CA MET D 195 10.85 10.88 0.51
C MET D 195 9.48 10.83 1.19
N VAL D 196 8.70 9.81 0.85
CA VAL D 196 7.34 9.73 1.36
C VAL D 196 7.29 9.67 2.89
N LEU D 197 7.99 8.69 3.47
CA LEU D 197 7.98 8.47 4.93
C LEU D 197 8.47 9.68 5.72
N PRO D 198 9.66 10.21 5.39
CA PRO D 198 10.21 11.34 6.16
C PRO D 198 9.37 12.63 6.04
N VAL D 199 8.83 12.88 4.86
CA VAL D 199 7.95 14.02 4.67
C VAL D 199 6.65 13.77 5.45
N ALA D 200 6.08 12.59 5.29
CA ALA D 200 4.81 12.28 5.92
C ALA D 200 4.95 12.35 7.45
N MET D 201 6.15 12.04 7.92
CA MET D 201 6.45 12.09 9.35
C MET D 201 6.36 13.52 9.88
N PHE D 202 7.00 14.47 9.20
CA PHE D 202 6.98 15.85 9.68
C PHE D 202 5.60 16.49 9.60
N VAL D 203 4.84 16.14 8.56
CA VAL D 203 3.49 16.69 8.36
C VAL D 203 2.47 16.08 9.31
N ALA D 204 2.49 14.76 9.48
CA ALA D 204 1.57 14.11 10.41
C ALA D 204 1.80 14.60 11.85
N SER D 205 3.06 14.86 12.18
CA SER D 205 3.46 15.30 13.52
C SER D 205 3.23 16.79 13.73
N GLY D 206 2.74 17.47 12.69
CA GLY D 206 2.40 18.88 12.79
C GLY D 206 3.61 19.76 13.02
N PHE D 207 4.75 19.35 12.50
CA PHE D 207 5.94 20.19 12.54
C PHE D 207 5.75 21.38 11.59
N GLU D 208 6.63 22.37 11.67
CA GLU D 208 6.38 23.64 11.00
C GLU D 208 7.33 23.97 9.86
N HIS D 209 6.78 24.04 8.65
CA HIS D 209 7.56 24.47 7.50
C HIS D 209 7.10 25.84 7.00
N SER D 210 8.00 26.83 7.07
CA SER D 210 7.63 28.22 6.79
C SER D 210 6.92 28.42 5.45
N ILE D 211 7.49 27.88 4.39
CA ILE D 211 6.94 28.02 3.05
C ILE D 211 5.57 27.39 2.92
N ALA D 212 5.41 26.17 3.40
CA ALA D 212 4.12 25.50 3.38
C ALA D 212 3.08 26.34 4.10
N ASN D 213 3.52 27.04 5.14
CA ASN D 213 2.64 27.91 5.91
C ASN D 213 2.28 29.19 5.16
N MET D 214 3.08 29.55 4.17
CA MET D 214 2.80 30.71 3.33
C MET D 214 1.51 30.48 2.54
N PHE D 215 1.18 29.21 2.30
CA PHE D 215 -0.10 28.90 1.70
C PHE D 215 -1.16 28.75 2.77
N MET D 216 -0.92 27.82 3.69
CA MET D 216 -1.93 27.42 4.66
C MET D 216 -2.54 28.58 5.44
N ILE D 217 -1.69 29.41 6.02
CA ILE D 217 -2.19 30.46 6.91
C ILE D 217 -2.85 31.61 6.16
N PRO D 218 -2.19 32.13 5.12
CA PRO D 218 -2.92 33.12 4.30
C PRO D 218 -4.19 32.53 3.68
N MET D 219 -4.19 31.23 3.38
CA MET D 219 -5.39 30.58 2.86
C MET D 219 -6.52 30.69 3.89
N GLY D 220 -6.19 30.37 5.14
CA GLY D 220 -7.13 30.51 6.24
C GLY D 220 -7.64 31.93 6.42
N ILE D 221 -6.73 32.91 6.36
CA ILE D 221 -7.10 34.31 6.55
C ILE D 221 -8.06 34.76 5.46
N VAL D 222 -7.74 34.40 4.23
CA VAL D 222 -8.58 34.75 3.09
C VAL D 222 -9.99 34.20 3.26
N ILE D 223 -10.07 32.90 3.57
CA ILE D 223 -11.35 32.25 3.82
C ILE D 223 -12.10 32.92 4.95
N ARG D 224 -11.40 33.21 6.04
CA ARG D 224 -12.02 33.84 7.20
C ARG D 224 -12.59 35.18 6.78
N ASP D 225 -11.77 35.96 6.08
CA ASP D 225 -12.14 37.31 5.68
C ASP D 225 -13.19 37.39 4.58
N PHE D 226 -13.28 36.38 3.73
CA PHE D 226 -14.08 36.53 2.51
C PHE D 226 -15.09 35.42 2.24
N ALA D 227 -15.24 34.50 3.18
CA ALA D 227 -16.20 33.41 3.06
C ALA D 227 -17.63 33.97 3.05
N SER D 228 -18.50 33.37 2.25
CA SER D 228 -19.91 33.74 2.22
C SER D 228 -20.55 33.44 3.57
N PRO D 229 -21.74 34.02 3.83
CA PRO D 229 -22.48 33.71 5.05
C PRO D 229 -23.03 32.29 5.04
N GLU D 230 -23.27 31.76 3.83
CA GLU D 230 -23.80 30.41 3.65
C GLU D 230 -22.78 29.36 4.08
N PHE D 231 -21.50 29.69 3.91
CA PHE D 231 -20.43 28.83 4.35
C PHE D 231 -20.50 28.71 5.85
N TRP D 232 -20.53 29.86 6.52
CA TRP D 232 -20.57 29.92 7.96
C TRP D 232 -21.77 29.16 8.52
N THR D 233 -22.89 29.29 7.84
CA THR D 233 -24.09 28.54 8.19
C THR D 233 -23.88 27.02 8.00
N ALA D 234 -23.50 26.63 6.79
CA ALA D 234 -23.26 25.21 6.48
C ALA D 234 -22.32 24.56 7.50
N VAL D 235 -21.22 25.24 7.78
CA VAL D 235 -20.22 24.73 8.71
C VAL D 235 -20.72 24.81 10.16
N GLY D 236 -21.33 25.93 10.52
CA GLY D 236 -21.80 26.12 11.88
C GLY D 236 -20.76 26.79 12.74
N SER D 237 -20.18 27.87 12.21
CA SER D 237 -19.14 28.62 12.93
C SER D 237 -19.25 30.11 12.62
N ALA D 238 -18.19 30.85 12.93
CA ALA D 238 -18.18 32.30 12.75
C ALA D 238 -16.78 32.87 12.60
N PRO D 239 -16.63 33.94 11.82
CA PRO D 239 -15.33 34.59 11.60
C PRO D 239 -14.70 35.03 12.93
N GLU D 240 -15.54 35.27 13.93
CA GLU D 240 -15.06 35.71 15.23
C GLU D 240 -14.46 34.56 16.03
N ASN D 241 -14.66 33.34 15.55
CA ASN D 241 -14.10 32.16 16.18
C ASN D 241 -12.61 31.99 15.82
N PHE D 242 -12.18 32.72 14.81
CA PHE D 242 -10.81 32.62 14.33
C PHE D 242 -10.12 33.98 14.38
N SER D 243 -10.33 34.68 15.49
CA SER D 243 -9.86 36.05 15.67
C SER D 243 -8.34 36.19 15.62
N HIS D 244 -7.63 35.08 15.72
CA HIS D 244 -6.17 35.11 15.68
C HIS D 244 -5.63 35.03 14.26
N LEU D 245 -6.50 34.66 13.32
CA LEU D 245 -6.11 34.59 11.92
C LEU D 245 -6.01 35.97 11.28
N THR D 246 -4.91 36.67 11.54
CA THR D 246 -4.62 37.94 10.88
C THR D 246 -3.27 37.86 10.20
N VAL D 247 -3.05 38.74 9.23
CA VAL D 247 -1.82 38.77 8.46
C VAL D 247 -0.63 39.06 9.35
N MET D 248 -0.84 39.90 10.37
CA MET D 248 0.25 40.30 11.26
C MET D 248 0.62 39.15 12.20
N ASN D 249 -0.39 38.52 12.79
CA ASN D 249 -0.17 37.34 13.61
C ASN D 249 0.56 36.25 12.82
N PHE D 250 0.18 36.07 11.56
CA PHE D 250 0.88 35.14 10.69
C PHE D 250 2.37 35.46 10.66
N ILE D 251 2.70 36.73 10.41
CA ILE D 251 4.09 37.15 10.33
C ILE D 251 4.85 36.91 11.63
N THR D 252 4.34 37.47 12.73
CA THR D 252 5.10 37.49 13.97
C THR D 252 4.99 36.21 14.80
N ASP D 253 3.80 35.62 14.84
CA ASP D 253 3.56 34.45 15.68
C ASP D 253 3.96 33.11 15.03
N ASN D 254 4.12 33.10 13.72
CA ASN D 254 4.49 31.87 13.01
C ASN D 254 5.66 32.03 12.06
N LEU D 255 5.45 32.77 10.97
CA LEU D 255 6.44 32.87 9.90
C LEU D 255 7.86 33.16 10.39
N ILE D 256 8.00 34.06 11.35
CA ILE D 256 9.31 34.43 11.86
C ILE D 256 10.00 33.34 12.71
N PRO D 257 9.32 32.81 13.73
CA PRO D 257 9.92 31.74 14.53
C PRO D 257 10.13 30.46 13.73
N VAL D 258 9.16 30.12 12.88
CA VAL D 258 9.25 28.91 12.08
C VAL D 258 10.37 29.02 11.05
N THR D 259 10.50 30.18 10.43
CA THR D 259 11.56 30.37 9.46
C THR D 259 12.90 30.21 10.16
N ILE D 260 13.02 30.84 11.33
CA ILE D 260 14.25 30.79 12.09
C ILE D 260 14.56 29.36 12.52
N GLY D 261 13.51 28.62 12.90
CA GLY D 261 13.65 27.23 13.28
C GLY D 261 14.04 26.38 12.10
N ASN D 262 13.39 26.64 10.96
CA ASN D 262 13.73 25.97 9.72
C ASN D 262 15.21 26.16 9.44
N ILE D 263 15.71 27.36 9.72
CA ILE D 263 17.09 27.71 9.40
C ILE D 263 18.07 27.02 10.34
N ILE D 264 17.78 27.05 11.65
CA ILE D 264 18.60 26.35 12.63
C ILE D 264 18.61 24.85 12.34
N GLY D 265 17.43 24.29 12.03
CA GLY D 265 17.32 22.88 11.70
C GLY D 265 18.25 22.52 10.57
N GLY D 266 18.17 23.27 9.49
CA GLY D 266 19.07 23.07 8.37
C GLY D 266 20.49 23.39 8.74
N GLY D 267 20.66 24.25 9.76
CA GLY D 267 21.97 24.55 10.28
C GLY D 267 22.66 23.31 10.83
N LEU D 268 21.97 22.63 11.75
CA LEU D 268 22.51 21.44 12.38
C LEU D 268 23.01 20.41 11.37
N LEU D 269 22.15 20.04 10.42
CA LEU D 269 22.51 19.03 9.44
C LEU D 269 23.76 19.41 8.64
N VAL D 270 23.98 20.71 8.48
CA VAL D 270 25.15 21.18 7.75
C VAL D 270 26.45 20.94 8.54
N GLY D 271 26.44 21.33 9.81
CA GLY D 271 27.60 21.15 10.66
C GLY D 271 28.01 19.69 10.79
N LEU D 272 27.02 18.81 10.97
CA LEU D 272 27.26 17.38 11.07
C LEU D 272 27.87 16.82 9.79
N THR D 273 27.23 17.12 8.66
CA THR D 273 27.67 16.62 7.36
C THR D 273 29.11 17.02 7.03
N TYR D 274 29.41 18.30 7.23
CA TYR D 274 30.74 18.83 6.98
C TYR D 274 31.83 17.85 7.43
N TRP D 275 31.93 17.64 8.73
CA TRP D 275 32.92 16.71 9.29
C TRP D 275 32.67 15.30 8.75
N VAL D 276 33.33 14.98 7.64
CA VAL D 276 33.12 13.71 6.96
C VAL D 276 34.22 13.46 5.93
N HIS E 30 38.75 7.88 12.91
CA HIS E 30 37.67 6.90 13.00
C HIS E 30 36.76 7.14 14.20
N PRO E 31 37.31 7.03 15.42
CA PRO E 31 36.49 7.08 16.64
C PRO E 31 35.59 8.31 16.71
N LEU E 32 36.14 9.47 16.37
CA LEU E 32 35.34 10.69 16.40
C LEU E 32 34.23 10.68 15.35
N LYS E 33 34.56 10.19 14.14
CA LYS E 33 33.60 10.07 13.05
C LYS E 33 32.48 9.11 13.45
N THR E 34 32.88 8.00 14.07
CA THR E 34 31.93 7.01 14.56
C THR E 34 30.99 7.62 15.58
N PHE E 35 31.55 8.31 16.56
CA PHE E 35 30.76 8.89 17.63
C PHE E 35 29.62 9.77 17.09
N TYR E 36 29.94 10.63 16.13
CA TYR E 36 28.94 11.50 15.52
C TYR E 36 27.90 10.73 14.72
N LEU E 37 28.34 9.71 13.99
CA LEU E 37 27.42 8.87 13.24
C LEU E 37 26.53 8.10 14.20
N ALA E 38 27.00 7.97 15.44
CA ALA E 38 26.24 7.31 16.50
C ALA E 38 25.17 8.25 17.03
N ILE E 39 25.56 9.50 17.28
CA ILE E 39 24.61 10.55 17.65
C ILE E 39 23.53 10.64 16.58
N THR E 40 23.96 10.54 15.32
CA THR E 40 23.04 10.59 14.19
C THR E 40 21.97 9.51 14.30
N ALA E 41 22.40 8.28 14.57
CA ALA E 41 21.47 7.15 14.62
C ALA E 41 20.50 7.30 15.78
N GLY E 42 20.98 7.84 16.90
CA GLY E 42 20.13 8.10 18.04
C GLY E 42 19.05 9.08 17.63
N VAL E 43 19.45 10.09 16.86
CA VAL E 43 18.48 11.03 16.29
C VAL E 43 17.50 10.30 15.39
N PHE E 44 18.02 9.48 14.47
CA PHE E 44 17.18 8.73 13.53
C PHE E 44 16.19 7.82 14.26
N ILE E 45 16.68 7.02 15.20
CA ILE E 45 15.81 6.09 15.93
C ILE E 45 14.74 6.85 16.72
N SER E 46 15.07 8.03 17.22
CA SER E 46 14.10 8.86 17.93
C SER E 46 13.01 9.38 16.99
N ILE E 47 13.42 9.85 15.82
CA ILE E 47 12.47 10.23 14.78
C ILE E 47 11.52 9.06 14.52
N ALA E 48 12.07 7.84 14.47
CA ALA E 48 11.27 6.64 14.24
C ALA E 48 10.16 6.55 15.27
N PHE E 49 10.51 6.69 16.54
CA PHE E 49 9.53 6.52 17.61
C PHE E 49 8.55 7.67 17.65
N VAL E 50 9.00 8.88 17.32
CA VAL E 50 8.11 10.03 17.28
C VAL E 50 7.03 9.75 16.25
N PHE E 51 7.44 9.23 15.11
CA PHE E 51 6.52 8.91 14.02
C PHE E 51 5.53 7.87 14.48
N TYR E 52 6.03 6.87 15.21
CA TYR E 52 5.22 5.77 15.72
C TYR E 52 4.16 6.31 16.65
N ILE E 53 4.56 7.22 17.53
CA ILE E 53 3.65 7.82 18.50
C ILE E 53 2.60 8.68 17.80
N THR E 54 3.03 9.47 16.82
CA THR E 54 2.09 10.28 16.05
C THR E 54 1.08 9.40 15.35
N ALA E 55 1.58 8.37 14.66
CA ALA E 55 0.71 7.46 13.94
C ALA E 55 -0.32 6.77 14.84
N THR E 56 0.09 6.41 16.05
CA THR E 56 -0.78 5.60 16.91
C THR E 56 -1.59 6.42 17.88
N THR E 57 -1.39 7.74 17.86
CA THR E 57 -2.12 8.63 18.76
C THR E 57 -3.61 8.63 18.45
N GLY E 58 -4.43 8.38 19.46
CA GLY E 58 -5.88 8.40 19.31
C GLY E 58 -6.47 7.14 18.69
N THR E 59 -5.70 6.05 18.67
CA THR E 59 -6.14 4.81 18.04
C THR E 59 -6.61 3.73 19.03
N GLY E 60 -7.27 4.16 20.09
CA GLY E 60 -7.77 3.25 21.12
C GLY E 60 -8.99 2.44 20.70
N THR E 61 -9.74 2.95 19.73
CA THR E 61 -10.92 2.25 19.22
C THR E 61 -10.55 1.30 18.08
N MET E 62 -9.49 1.62 17.38
CA MET E 62 -8.97 0.76 16.33
C MET E 62 -8.52 -0.59 16.90
N PRO E 63 -8.64 -1.65 16.10
CA PRO E 63 -8.05 -2.94 16.49
C PRO E 63 -6.56 -2.80 16.83
N PHE E 64 -6.19 -3.29 18.00
CA PHE E 64 -4.82 -3.26 18.51
C PHE E 64 -3.74 -3.56 17.45
N GLY E 65 -3.85 -4.72 16.82
CA GLY E 65 -2.84 -5.14 15.87
C GLY E 65 -2.74 -4.21 14.67
N MET E 66 -3.88 -3.67 14.23
CA MET E 66 -3.86 -2.83 13.04
C MET E 66 -3.12 -1.53 13.35
N ALA E 67 -3.48 -0.90 14.46
CA ALA E 67 -2.85 0.34 14.89
C ALA E 67 -1.34 0.16 15.08
N LYS E 68 -0.95 -0.96 15.69
CA LYS E 68 0.46 -1.23 15.97
C LYS E 68 1.21 -1.52 14.68
N LEU E 69 0.57 -2.24 13.77
CA LEU E 69 1.16 -2.52 12.48
C LEU E 69 1.49 -1.20 11.76
N VAL E 70 0.53 -0.28 11.74
CA VAL E 70 0.75 0.99 11.06
C VAL E 70 1.91 1.76 11.72
N GLY E 71 1.87 1.85 13.04
CA GLY E 71 2.95 2.50 13.77
C GLY E 71 4.31 1.92 13.43
N GLY E 72 4.38 0.60 13.30
CA GLY E 72 5.61 -0.08 13.00
C GLY E 72 6.12 0.15 11.59
N ILE E 73 5.19 0.35 10.64
CA ILE E 73 5.57 0.74 9.29
C ILE E 73 6.17 2.14 9.30
N CYS E 74 5.57 3.06 10.04
CA CYS E 74 6.13 4.40 10.16
C CYS E 74 7.52 4.37 10.84
N PHE E 75 7.66 3.53 11.85
CA PHE E 75 8.90 3.43 12.63
C PHE E 75 10.09 3.08 11.74
N SER E 76 9.82 2.34 10.66
CA SER E 76 10.88 1.85 9.76
C SER E 76 11.68 3.00 9.13
N LEU E 77 11.05 4.17 9.02
CA LEU E 77 11.74 5.41 8.67
C LEU E 77 13.12 5.45 9.34
N GLY E 78 13.16 5.15 10.63
CA GLY E 78 14.38 5.28 11.41
C GLY E 78 15.53 4.43 10.90
N LEU E 79 15.24 3.17 10.59
CA LEU E 79 16.29 2.28 10.10
C LEU E 79 16.65 2.61 8.65
N ILE E 80 15.64 2.96 7.86
CA ILE E 80 15.87 3.42 6.51
C ILE E 80 16.86 4.59 6.54
N LEU E 81 16.61 5.53 7.45
CA LEU E 81 17.47 6.69 7.68
C LEU E 81 18.90 6.28 8.04
N CYS E 82 19.04 5.33 8.97
CA CYS E 82 20.36 4.85 9.41
C CYS E 82 21.17 4.19 8.28
N VAL E 83 20.54 3.29 7.54
CA VAL E 83 21.22 2.58 6.46
C VAL E 83 21.54 3.48 5.24
N VAL E 84 20.57 4.29 4.83
CA VAL E 84 20.77 5.15 3.67
C VAL E 84 21.76 6.30 3.92
N CYS E 85 21.75 6.86 5.13
CA CYS E 85 22.66 7.97 5.44
C CYS E 85 23.96 7.54 6.10
N GLY E 86 24.12 6.24 6.29
CA GLY E 86 25.37 5.70 6.83
C GLY E 86 25.58 5.99 8.31
N ALA E 87 24.48 6.08 9.06
CA ALA E 87 24.55 6.36 10.49
C ALA E 87 24.83 5.07 11.24
N ASP E 88 25.26 5.19 12.50
CA ASP E 88 25.72 4.04 13.26
C ASP E 88 24.82 3.68 14.45
N LEU E 89 23.94 2.71 14.23
CA LEU E 89 23.04 2.23 15.26
C LEU E 89 23.60 0.97 15.92
N PHE E 90 23.83 1.07 17.23
CA PHE E 90 24.40 0.02 18.07
C PHE E 90 24.12 -1.42 17.60
N THR E 91 25.16 -2.08 17.08
CA THR E 91 25.12 -3.51 16.71
C THR E 91 24.35 -3.89 15.44
N SER E 92 23.65 -2.94 14.84
CA SER E 92 22.73 -3.26 13.74
C SER E 92 23.39 -3.87 12.50
N THR E 93 24.70 -3.63 12.34
CA THR E 93 25.44 -4.08 11.16
C THR E 93 26.39 -5.24 11.49
N VAL E 94 26.27 -5.80 12.69
CA VAL E 94 27.22 -6.82 13.11
C VAL E 94 27.36 -7.95 12.08
N LEU E 95 26.28 -8.27 11.37
CA LEU E 95 26.32 -9.32 10.35
C LEU E 95 27.13 -8.91 9.12
N ILE E 96 27.08 -7.64 8.77
CA ILE E 96 27.79 -7.15 7.59
C ILE E 96 29.28 -7.21 7.83
N VAL E 97 29.68 -6.84 9.04
CA VAL E 97 31.08 -6.88 9.45
C VAL E 97 31.64 -8.30 9.41
N VAL E 98 30.88 -9.26 9.92
CA VAL E 98 31.30 -10.67 9.86
C VAL E 98 31.50 -11.13 8.42
N ALA E 99 30.58 -10.75 7.55
CA ALA E 99 30.64 -11.10 6.14
C ALA E 99 31.83 -10.45 5.44
N LYS E 100 32.12 -9.20 5.81
CA LYS E 100 33.23 -8.47 5.21
C LYS E 100 34.58 -9.02 5.66
N ALA E 101 34.63 -9.50 6.89
CA ALA E 101 35.84 -10.13 7.41
C ALA E 101 36.07 -11.47 6.71
N SER E 102 34.98 -12.11 6.29
CA SER E 102 35.03 -13.40 5.61
C SER E 102 35.32 -14.55 6.58
N GLY E 103 34.95 -14.37 7.84
CA GLY E 103 35.22 -15.37 8.86
C GLY E 103 36.62 -15.22 9.42
N ARG E 104 37.35 -14.22 8.94
CA ARG E 104 38.66 -13.90 9.49
C ARG E 104 38.53 -12.75 10.50
N ILE E 105 37.83 -13.02 11.59
CA ILE E 105 37.60 -12.00 12.62
C ILE E 105 37.31 -12.64 13.98
N THR E 106 37.47 -11.85 15.04
CA THR E 106 37.29 -12.34 16.40
C THR E 106 36.25 -11.53 17.17
N TRP E 107 35.63 -12.15 18.16
CA TRP E 107 34.59 -11.52 18.97
C TRP E 107 35.15 -10.37 19.82
N GLY E 108 36.46 -10.39 20.07
CA GLY E 108 37.09 -9.38 20.90
C GLY E 108 37.31 -8.06 20.20
N GLN E 109 37.42 -8.11 18.88
CA GLN E 109 37.59 -6.91 18.06
C GLN E 109 36.23 -6.29 17.72
N LEU E 110 35.21 -7.13 17.67
CA LEU E 110 33.85 -6.70 17.32
C LEU E 110 33.13 -6.08 18.50
N ALA E 111 33.78 -5.18 19.23
CA ALA E 111 33.15 -4.56 20.39
C ALA E 111 33.97 -3.40 20.96
N LYS E 112 35.06 -3.05 20.29
CA LYS E 112 35.87 -1.92 20.71
C LYS E 112 34.99 -0.67 20.77
N ASN E 113 34.42 -0.31 19.62
CA ASN E 113 33.61 0.90 19.54
C ASN E 113 32.12 0.69 19.80
N TRP E 114 31.73 -0.45 20.35
CA TRP E 114 30.32 -0.66 20.73
C TRP E 114 29.90 0.34 21.79
N LEU E 115 30.77 0.53 22.78
CA LEU E 115 30.53 1.49 23.85
C LEU E 115 30.50 2.92 23.29
N ASN E 116 31.33 3.16 22.29
CA ASN E 116 31.36 4.46 21.61
C ASN E 116 30.04 4.69 20.88
N VAL E 117 29.62 3.71 20.10
CA VAL E 117 28.35 3.80 19.38
C VAL E 117 27.19 3.89 20.37
N TYR E 118 27.19 2.99 21.34
CA TYR E 118 26.13 2.95 22.34
C TYR E 118 25.92 4.33 22.97
N PHE E 119 27.03 4.95 23.38
CA PHE E 119 27.00 6.24 24.04
C PHE E 119 26.61 7.37 23.09
N GLY E 120 27.12 7.34 21.87
CA GLY E 120 26.74 8.30 20.86
C GLY E 120 25.25 8.21 20.58
N ASN E 121 24.77 6.98 20.42
CA ASN E 121 23.34 6.75 20.21
C ASN E 121 22.53 7.40 21.33
N LEU E 122 23.01 7.21 22.55
CA LEU E 122 22.36 7.75 23.75
C LEU E 122 22.28 9.28 23.68
N VAL E 123 23.44 9.91 23.46
CA VAL E 123 23.48 11.36 23.32
C VAL E 123 22.44 11.88 22.31
N GLY E 124 22.39 11.27 21.12
CA GLY E 124 21.45 11.69 20.10
C GLY E 124 19.99 11.50 20.49
N ALA E 125 19.70 10.38 21.12
CA ALA E 125 18.35 10.12 21.62
C ALA E 125 17.93 11.15 22.67
N LEU E 126 18.83 11.43 23.61
CA LEU E 126 18.53 12.41 24.65
C LEU E 126 18.35 13.82 24.09
N LEU E 127 19.20 14.18 23.11
CA LEU E 127 19.12 15.49 22.50
C LEU E 127 17.76 15.65 21.81
N PHE E 128 17.25 14.56 21.25
CA PHE E 128 15.96 14.60 20.57
C PHE E 128 14.84 14.65 21.59
N VAL E 129 15.04 14.05 22.76
CA VAL E 129 14.06 14.15 23.83
C VAL E 129 13.87 15.61 24.26
N LEU E 130 14.97 16.36 24.30
CA LEU E 130 14.91 17.79 24.62
C LEU E 130 14.20 18.58 23.52
N LEU E 131 14.48 18.25 22.27
CA LEU E 131 13.87 18.97 21.16
C LEU E 131 12.37 18.70 21.07
N MET E 132 11.96 17.48 21.39
CA MET E 132 10.55 17.14 21.36
C MET E 132 9.82 17.77 22.52
N TRP E 133 10.46 17.82 23.68
CA TRP E 133 9.84 18.48 24.81
C TRP E 133 9.66 19.98 24.58
N LEU E 134 10.68 20.62 24.01
CA LEU E 134 10.63 22.06 23.76
C LEU E 134 9.57 22.45 22.76
N SER E 135 9.19 21.51 21.89
CA SER E 135 8.23 21.80 20.83
C SER E 135 6.80 21.81 21.36
N GLY E 136 6.62 21.38 22.61
CA GLY E 136 5.30 21.23 23.20
C GLY E 136 4.45 20.18 22.50
N GLU E 137 5.09 19.35 21.68
CA GLU E 137 4.40 18.31 20.91
C GLU E 137 3.48 17.45 21.76
N TYR E 138 3.78 17.31 23.05
CA TYR E 138 3.07 16.40 23.93
C TYR E 138 1.59 16.76 24.12
N MET E 139 1.25 18.03 23.89
CA MET E 139 -0.14 18.49 23.98
C MET E 139 -0.99 18.15 22.75
N THR E 140 -0.33 17.72 21.67
CA THR E 140 -1.04 17.34 20.45
C THR E 140 -2.26 16.46 20.74
N ALA E 141 -3.35 16.72 20.02
CA ALA E 141 -4.56 15.92 20.12
C ALA E 141 -5.17 15.89 21.53
N ASN E 142 -5.22 17.06 22.18
CA ASN E 142 -5.79 17.18 23.53
C ASN E 142 -5.01 16.39 24.58
N GLY E 143 -3.69 16.45 24.50
CA GLY E 143 -2.83 15.69 25.40
C GLY E 143 -2.69 14.22 25.04
N GLN E 144 -3.41 13.76 24.02
CA GLN E 144 -3.39 12.33 23.67
C GLN E 144 -2.02 11.83 23.16
N TRP E 145 -1.33 12.67 22.41
CA TRP E 145 0.04 12.36 22.01
C TRP E 145 0.89 12.08 23.26
N GLY E 146 0.91 13.04 24.18
CA GLY E 146 1.66 12.90 25.41
C GLY E 146 1.28 11.66 26.19
N LEU E 147 -0.02 11.36 26.23
CA LEU E 147 -0.51 10.20 26.96
C LEU E 147 -0.01 8.92 26.32
N ASN E 148 0.06 8.93 24.99
CA ASN E 148 0.58 7.82 24.22
C ASN E 148 1.98 7.49 24.70
N VAL E 149 2.86 8.50 24.74
CA VAL E 149 4.21 8.32 25.26
C VAL E 149 4.25 7.74 26.68
N LEU E 150 3.46 8.31 27.59
CA LEU E 150 3.46 7.83 28.98
C LEU E 150 3.09 6.34 29.08
N GLN E 151 2.02 5.95 28.40
CA GLN E 151 1.53 4.57 28.45
C GLN E 151 2.53 3.62 27.80
N THR E 152 3.12 4.07 26.70
CA THR E 152 4.12 3.30 25.97
C THR E 152 5.39 3.15 26.81
N ALA E 153 5.89 4.25 27.36
CA ALA E 153 7.05 4.23 28.23
C ALA E 153 6.82 3.36 29.46
N ASP E 154 5.67 3.55 30.10
CA ASP E 154 5.33 2.84 31.32
C ASP E 154 5.31 1.33 31.10
N HIS E 155 4.64 0.89 30.04
CA HIS E 155 4.57 -0.52 29.73
C HIS E 155 5.97 -1.14 29.63
N LYS E 156 6.92 -0.35 29.14
CA LYS E 156 8.28 -0.84 28.92
C LYS E 156 9.10 -1.03 30.23
N VAL E 157 8.58 -0.53 31.35
CA VAL E 157 9.30 -0.70 32.62
C VAL E 157 8.60 -1.69 33.55
N HIS E 158 7.72 -2.52 33.00
CA HIS E 158 7.00 -3.50 33.83
C HIS E 158 7.22 -4.96 33.44
N HIS E 159 8.23 -5.23 32.62
CA HIS E 159 8.59 -6.61 32.32
C HIS E 159 9.39 -7.23 33.48
N THR E 160 9.39 -8.55 33.61
CA THR E 160 10.41 -9.21 34.43
C THR E 160 11.70 -9.12 33.65
N PHE E 161 12.81 -9.22 34.37
CA PHE E 161 14.14 -9.16 33.78
C PHE E 161 14.26 -10.14 32.61
N ILE E 162 13.77 -11.37 32.80
CA ILE E 162 13.87 -12.36 31.75
C ILE E 162 12.97 -12.01 30.55
N GLU E 163 11.77 -11.47 30.83
CA GLU E 163 10.92 -11.01 29.74
C GLU E 163 11.64 -9.95 28.93
N ALA E 164 12.27 -9.01 29.63
CA ALA E 164 12.95 -7.91 28.96
C ALA E 164 14.08 -8.43 28.08
N VAL E 165 14.89 -9.34 28.60
CA VAL E 165 15.98 -9.94 27.82
C VAL E 165 15.50 -10.61 26.52
N CYS E 166 14.47 -11.45 26.63
CA CYS E 166 13.95 -12.14 25.46
C CYS E 166 13.32 -11.18 24.43
N LEU E 167 12.56 -10.21 24.91
CA LEU E 167 12.04 -9.17 24.03
C LEU E 167 13.19 -8.41 23.34
N GLY E 168 14.32 -8.31 24.03
CA GLY E 168 15.51 -7.67 23.49
C GLY E 168 16.20 -8.54 22.45
N ILE E 169 16.21 -9.86 22.69
CA ILE E 169 16.72 -10.80 21.71
C ILE E 169 15.89 -10.66 20.43
N LEU E 170 14.56 -10.65 20.61
CA LEU E 170 13.61 -10.60 19.49
C LEU E 170 13.74 -9.34 18.61
N ALA E 171 13.83 -8.17 19.23
CA ALA E 171 13.93 -6.91 18.51
C ALA E 171 15.18 -6.87 17.65
N ASN E 172 16.30 -7.30 18.24
CA ASN E 172 17.59 -7.25 17.54
C ASN E 172 17.82 -8.33 16.48
N LEU E 173 17.20 -9.49 16.64
CA LEU E 173 17.11 -10.42 15.53
C LEU E 173 16.51 -9.71 14.31
N MET E 174 15.41 -9.01 14.54
CA MET E 174 14.70 -8.37 13.44
C MET E 174 15.54 -7.25 12.84
N VAL E 175 16.13 -6.40 13.69
CA VAL E 175 16.91 -5.27 13.22
C VAL E 175 18.09 -5.77 12.39
N CYS E 176 18.80 -6.77 12.93
CA CYS E 176 19.98 -7.33 12.26
C CYS E 176 19.63 -8.02 10.94
N LEU E 177 18.53 -8.76 10.92
CA LEU E 177 18.04 -9.36 9.69
C LEU E 177 17.66 -8.29 8.66
N ALA E 178 16.99 -7.23 9.11
CA ALA E 178 16.55 -6.18 8.19
C ALA E 178 17.75 -5.56 7.49
N VAL E 179 18.73 -5.12 8.30
CA VAL E 179 19.96 -4.51 7.80
C VAL E 179 20.73 -5.46 6.91
N TRP E 180 20.76 -6.74 7.27
CA TRP E 180 21.41 -7.75 6.47
C TRP E 180 20.77 -7.89 5.08
N MET E 181 19.43 -7.91 5.04
CA MET E 181 18.74 -7.97 3.75
C MET E 181 19.01 -6.70 2.94
N SER E 182 18.98 -5.56 3.62
CA SER E 182 19.22 -4.26 2.99
C SER E 182 20.52 -4.26 2.21
N TYR E 183 21.53 -4.95 2.74
CA TYR E 183 22.85 -4.89 2.12
CA TYR E 183 22.88 -4.96 2.18
C TYR E 183 22.98 -5.74 0.86
N SER E 184 21.98 -6.56 0.58
CA SER E 184 21.96 -7.28 -0.69
C SER E 184 21.25 -6.44 -1.77
N GLY E 185 20.79 -5.26 -1.39
CA GLY E 185 20.04 -4.39 -2.29
C GLY E 185 20.89 -3.62 -3.28
N ARG E 186 20.29 -3.28 -4.41
CA ARG E 186 21.04 -2.69 -5.53
C ARG E 186 20.37 -1.41 -6.02
N SER E 187 19.47 -0.87 -5.20
CA SER E 187 18.82 0.40 -5.45
C SER E 187 18.33 0.95 -4.11
N LEU E 188 18.05 2.25 -4.08
CA LEU E 188 17.38 2.85 -2.93
C LEU E 188 16.12 2.07 -2.55
N MET E 189 15.29 1.71 -3.54
CA MET E 189 14.06 0.97 -3.28
C MET E 189 14.34 -0.33 -2.54
N ASP E 190 15.25 -1.12 -3.10
CA ASP E 190 15.70 -2.38 -2.51
C ASP E 190 16.10 -2.18 -1.05
N LYS E 191 17.06 -1.30 -0.82
CA LYS E 191 17.66 -1.15 0.50
C LYS E 191 16.69 -0.65 1.55
N ALA E 192 15.84 0.30 1.18
CA ALA E 192 14.91 0.90 2.12
C ALA E 192 13.74 -0.03 2.41
N PHE E 193 13.05 -0.47 1.36
CA PHE E 193 11.78 -1.15 1.55
C PHE E 193 11.86 -2.62 1.91
N ILE E 194 13.02 -3.23 1.74
CA ILE E 194 13.19 -4.59 2.22
C ILE E 194 13.13 -4.63 3.76
N MET E 195 13.33 -3.48 4.39
CA MET E 195 13.42 -3.41 5.86
C MET E 195 12.08 -3.10 6.54
N VAL E 196 11.12 -2.62 5.77
CA VAL E 196 9.85 -2.18 6.31
C VAL E 196 9.15 -3.29 7.12
N LEU E 197 8.99 -4.44 6.51
CA LEU E 197 8.28 -5.55 7.12
C LEU E 197 8.97 -6.08 8.40
N PRO E 198 10.30 -6.39 8.33
CA PRO E 198 10.96 -6.91 9.54
C PRO E 198 10.97 -5.89 10.69
N VAL E 199 11.08 -4.60 10.38
CA VAL E 199 11.07 -3.60 11.45
C VAL E 199 9.68 -3.44 12.05
N ALA E 200 8.67 -3.33 11.17
CA ALA E 200 7.28 -3.22 11.60
C ALA E 200 6.89 -4.39 12.48
N MET E 201 7.37 -5.57 12.10
CA MET E 201 7.06 -6.78 12.85
C MET E 201 7.53 -6.65 14.29
N PHE E 202 8.77 -6.22 14.50
CA PHE E 202 9.29 -6.09 15.86
C PHE E 202 8.63 -4.95 16.64
N VAL E 203 8.45 -3.81 15.99
CA VAL E 203 7.81 -2.66 16.63
C VAL E 203 6.35 -2.96 16.97
N ALA E 204 5.60 -3.48 15.99
CA ALA E 204 4.20 -3.76 16.21
C ALA E 204 4.04 -4.81 17.32
N SER E 205 5.01 -5.69 17.44
CA SER E 205 4.97 -6.77 18.42
C SER E 205 5.40 -6.36 19.84
N GLY E 206 5.87 -5.13 20.01
CA GLY E 206 6.32 -4.68 21.31
C GLY E 206 7.66 -5.26 21.73
N PHE E 207 8.47 -5.69 20.77
CA PHE E 207 9.82 -6.16 21.10
C PHE E 207 10.64 -4.97 21.60
N GLU E 208 11.78 -5.25 22.21
CA GLU E 208 12.50 -4.20 22.91
C GLU E 208 13.86 -3.91 22.28
N HIS E 209 14.04 -2.67 21.87
CA HIS E 209 15.28 -2.25 21.27
C HIS E 209 15.86 -1.16 22.16
N SER E 210 17.10 -1.36 22.59
CA SER E 210 17.68 -0.53 23.65
C SER E 210 17.82 0.93 23.24
N ILE E 211 18.25 1.19 22.01
CA ILE E 211 18.48 2.56 21.58
C ILE E 211 17.16 3.31 21.45
N ALA E 212 16.18 2.67 20.82
CA ALA E 212 14.85 3.25 20.67
C ALA E 212 14.34 3.62 22.03
N ASN E 213 14.55 2.73 22.99
CA ASN E 213 14.13 2.97 24.37
C ASN E 213 14.84 4.15 25.05
N MET E 214 16.05 4.48 24.60
CA MET E 214 16.75 5.65 25.13
C MET E 214 15.97 6.95 24.88
N PHE E 215 15.08 6.93 23.90
CA PHE E 215 14.22 8.08 23.64
C PHE E 215 12.88 7.96 24.37
N MET E 216 12.23 6.82 24.22
CA MET E 216 10.84 6.65 24.65
C MET E 216 10.62 6.80 26.15
N ILE E 217 11.43 6.07 26.90
CA ILE E 217 11.27 6.03 28.35
C ILE E 217 11.68 7.35 28.98
N PRO E 218 12.84 7.90 28.56
CA PRO E 218 13.17 9.23 29.07
C PRO E 218 12.14 10.28 28.63
N MET E 219 11.69 10.21 27.37
CA MET E 219 10.64 11.13 26.90
C MET E 219 9.45 11.07 27.85
N GLY E 220 9.09 9.85 28.25
CA GLY E 220 8.01 9.63 29.19
C GLY E 220 8.29 10.16 30.59
N ILE E 221 9.51 9.96 31.08
CA ILE E 221 9.91 10.51 32.37
C ILE E 221 9.81 12.04 32.34
N VAL E 222 10.34 12.64 31.28
CA VAL E 222 10.27 14.08 31.08
C VAL E 222 8.85 14.64 31.05
N ILE E 223 7.96 14.02 30.28
CA ILE E 223 6.57 14.45 30.23
C ILE E 223 5.91 14.33 31.60
N ARG E 224 6.13 13.21 32.27
CA ARG E 224 5.55 12.99 33.58
C ARG E 224 5.96 14.06 34.60
N ASP E 225 7.25 14.37 34.64
CA ASP E 225 7.78 15.27 35.65
C ASP E 225 7.73 16.74 35.27
N PHE E 226 7.11 17.05 34.13
CA PHE E 226 7.09 18.44 33.66
C PHE E 226 5.76 18.85 33.07
N ALA E 227 4.96 17.87 32.65
CA ALA E 227 3.65 18.16 32.07
C ALA E 227 2.91 19.21 32.88
N SER E 228 2.19 20.09 32.20
CA SER E 228 1.44 21.13 32.88
C SER E 228 0.19 20.54 33.53
N PRO E 229 -0.43 21.29 34.45
CA PRO E 229 -1.72 20.90 35.03
C PRO E 229 -2.77 20.74 33.94
N GLU E 230 -2.66 21.55 32.89
CA GLU E 230 -3.59 21.46 31.78
C GLU E 230 -3.50 20.08 31.12
N PHE E 231 -2.29 19.68 30.78
CA PHE E 231 -2.08 18.37 30.18
C PHE E 231 -2.80 17.30 31.00
N TRP E 232 -2.52 17.28 32.29
CA TRP E 232 -3.09 16.25 33.17
C TRP E 232 -4.62 16.30 33.21
N THR E 233 -5.18 17.51 33.09
CA THR E 233 -6.62 17.67 33.05
C THR E 233 -7.24 17.17 31.75
N ALA E 234 -6.65 17.58 30.62
CA ALA E 234 -7.13 17.13 29.32
C ALA E 234 -6.99 15.60 29.22
N VAL E 235 -5.85 15.10 29.70
CA VAL E 235 -5.54 13.68 29.61
C VAL E 235 -6.37 12.84 30.57
N GLY E 236 -6.80 13.44 31.67
CA GLY E 236 -7.60 12.73 32.66
C GLY E 236 -6.77 11.84 33.55
N SER E 237 -5.51 12.22 33.76
CA SER E 237 -4.60 11.43 34.59
C SER E 237 -3.78 12.30 35.54
N ALA E 238 -2.95 11.66 36.35
CA ALA E 238 -2.08 12.37 37.27
C ALA E 238 -0.72 11.69 37.28
N PRO E 239 0.34 12.45 37.58
CA PRO E 239 1.71 11.91 37.59
C PRO E 239 1.82 10.63 38.41
N GLU E 240 0.91 10.45 39.37
CA GLU E 240 0.96 9.30 40.27
C GLU E 240 0.38 8.03 39.63
N ASN E 241 -0.16 8.16 38.42
CA ASN E 241 -0.62 7.00 37.68
C ASN E 241 0.53 6.29 36.99
N PHE E 242 1.69 6.95 37.01
CA PHE E 242 2.85 6.47 36.28
C PHE E 242 4.05 6.46 37.20
N SER E 243 3.88 5.85 38.37
CA SER E 243 4.87 5.91 39.44
C SER E 243 6.16 5.12 39.17
N HIS E 244 6.16 4.32 38.12
CA HIS E 244 7.34 3.52 37.80
C HIS E 244 8.28 4.19 36.80
N LEU E 245 7.80 5.26 36.16
CA LEU E 245 8.64 5.99 35.21
C LEU E 245 9.69 6.83 35.92
N THR E 246 10.84 6.23 36.22
CA THR E 246 11.95 6.97 36.80
C THR E 246 13.24 6.59 36.10
N VAL E 247 14.25 7.45 36.21
CA VAL E 247 15.53 7.19 35.58
C VAL E 247 16.10 5.83 35.98
N MET E 248 16.06 5.55 37.28
CA MET E 248 16.65 4.31 37.80
C MET E 248 15.85 3.08 37.37
N ASN E 249 14.52 3.20 37.42
CA ASN E 249 13.66 2.12 36.93
C ASN E 249 13.88 1.90 35.43
N PHE E 250 14.14 2.99 34.71
CA PHE E 250 14.45 2.90 33.28
C PHE E 250 15.72 2.09 33.06
N ILE E 251 16.76 2.41 33.82
CA ILE E 251 18.06 1.76 33.68
C ILE E 251 17.99 0.29 34.06
N THR E 252 17.43 0.00 35.23
CA THR E 252 17.46 -1.35 35.78
C THR E 252 16.38 -2.28 35.24
N ASP E 253 15.18 -1.77 35.02
CA ASP E 253 14.08 -2.62 34.63
C ASP E 253 13.94 -2.80 33.12
N ASN E 254 14.49 -1.88 32.35
CA ASN E 254 14.47 -2.00 30.90
C ASN E 254 15.86 -2.02 30.26
N LEU E 255 16.62 -0.95 30.43
CA LEU E 255 17.84 -0.76 29.64
C LEU E 255 18.88 -1.88 29.78
N ILE E 256 19.17 -2.30 31.01
CA ILE E 256 20.15 -3.38 31.20
C ILE E 256 19.73 -4.68 30.51
N PRO E 257 18.57 -5.23 30.88
CA PRO E 257 18.13 -6.52 30.33
C PRO E 257 17.91 -6.42 28.82
N VAL E 258 17.31 -5.32 28.37
CA VAL E 258 17.08 -5.17 26.93
C VAL E 258 18.40 -5.11 26.16
N THR E 259 19.36 -4.36 26.69
CA THR E 259 20.67 -4.25 26.07
C THR E 259 21.33 -5.64 25.98
N ILE E 260 21.32 -6.35 27.10
CA ILE E 260 21.80 -7.73 27.13
C ILE E 260 21.08 -8.57 26.07
N GLY E 261 19.76 -8.42 25.99
CA GLY E 261 18.97 -9.12 24.99
C GLY E 261 19.38 -8.79 23.56
N ASN E 262 19.47 -7.50 23.26
CA ASN E 262 19.94 -7.06 21.95
C ASN E 262 21.29 -7.68 21.64
N ILE E 263 22.21 -7.64 22.61
CA ILE E 263 23.51 -8.26 22.38
C ILE E 263 23.36 -9.76 22.06
N ILE E 264 22.61 -10.49 22.86
CA ILE E 264 22.44 -11.92 22.57
C ILE E 264 21.82 -12.18 21.20
N GLY E 265 20.80 -11.39 20.84
CA GLY E 265 20.14 -11.56 19.56
C GLY E 265 21.13 -11.47 18.43
N GLY E 266 22.03 -10.49 18.51
CA GLY E 266 23.09 -10.32 17.55
C GLY E 266 24.06 -11.48 17.55
N GLY E 267 24.42 -11.95 18.75
CA GLY E 267 25.38 -13.03 18.89
C GLY E 267 24.89 -14.31 18.25
N LEU E 268 23.63 -14.65 18.49
CA LEU E 268 23.02 -15.82 17.88
C LEU E 268 23.20 -15.81 16.35
N LEU E 269 22.88 -14.68 15.73
CA LEU E 269 22.98 -14.55 14.28
C LEU E 269 24.43 -14.59 13.81
N VAL E 270 25.31 -14.00 14.60
CA VAL E 270 26.74 -14.04 14.30
C VAL E 270 27.29 -15.46 14.35
N GLY E 271 26.97 -16.16 15.43
CA GLY E 271 27.31 -17.57 15.56
C GLY E 271 26.75 -18.36 14.40
N LEU E 272 25.48 -18.15 14.08
CA LEU E 272 24.87 -18.88 12.98
C LEU E 272 25.64 -18.62 11.68
N THR E 273 25.83 -17.34 11.35
CA THR E 273 26.53 -16.95 10.13
C THR E 273 27.90 -17.60 10.06
N TYR E 274 28.64 -17.55 11.16
CA TYR E 274 29.98 -18.13 11.21
C TYR E 274 30.02 -19.60 10.82
N TRP E 275 29.07 -20.39 11.31
CA TRP E 275 29.02 -21.80 10.94
C TRP E 275 28.74 -21.99 9.45
N VAL E 276 27.70 -21.33 8.95
CA VAL E 276 27.34 -21.43 7.55
C VAL E 276 28.51 -21.06 6.63
N ILE E 277 29.29 -20.06 7.03
CA ILE E 277 30.48 -19.66 6.27
C ILE E 277 31.55 -20.76 6.33
N TYR E 278 32.00 -21.08 7.53
CA TYR E 278 32.99 -22.14 7.73
C TYR E 278 32.36 -23.52 7.62
#